data_8JC5
#
_entry.id   8JC5
#
_cell.length_a   80.976
_cell.length_b   73.817
_cell.length_c   91.959
_cell.angle_alpha   90.000
_cell.angle_beta   114.182
_cell.angle_gamma   90.000
#
_symmetry.space_group_name_H-M   'P 1 21 1'
#
loop_
_entity.id
_entity.type
_entity.pdbx_description
1 polymer 'ADP-ribosylation factor-like protein 8B'
2 polymer 'Pleckstrin homology domain-containing family M member 1'
3 non-polymer "GUANOSINE-5'-TRIPHOSPHATE"
4 non-polymer 'MAGNESIUM ION'
5 water water
#
loop_
_entity_poly.entity_id
_entity_poly.type
_entity_poly.pdbx_seq_one_letter_code
_entity_poly.pdbx_strand_id
1 'polypeptide(L)'
;KEEMELTLVGLQYSGKTTFVNVIASGQFSEDMIPTVGFNMRKVTKGNVTIKIWDIGGLPRFRSMWERYCRGVNAIVYMID
AADREKIEASRNELHNLLDKPQLQGIPVLVLGNKRDLPNALDEKQLIEKMNLSAIQDREICCYSISCKEKDNIDITLQWL
IQHSKSRRS
;
A,B
2 'polypeptide(L)'
;DPQAAIPVIKKKLVGSVKALQKQYVSLDTVVTSEDGDANTMCSALEAVFIHGLHAKHIRAEAGGKRKKSAHQKPLPQPVF
WPLLKAVTHKHIISELEHLTFVNTDVGRCRAWLRLALNDGLMECYLKLLLQEQARLHEYYQPTALLRDAEEGEFLLSFLQ
GLTSLSFELSYKSAILNEWTLTPLALSGLCPLSELD
;
C,D
#
# COMPACT_ATOMS: atom_id res chain seq x y z
N LYS A 1 21.01 -7.55 9.87
CA LYS A 1 21.31 -8.27 8.65
C LYS A 1 20.23 -9.29 8.28
N GLU A 2 18.97 -8.87 8.28
CA GLU A 2 17.88 -9.84 8.15
C GLU A 2 17.05 -9.71 6.87
N GLU A 3 17.43 -8.85 5.92
CA GLU A 3 16.89 -8.88 4.57
C GLU A 3 18.03 -9.10 3.57
N MET A 4 17.73 -9.86 2.51
CA MET A 4 18.73 -10.20 1.51
C MET A 4 18.05 -10.48 0.17
N GLU A 5 18.85 -10.45 -0.91
CA GLU A 5 18.37 -10.72 -2.25
C GLU A 5 19.26 -11.76 -2.92
N LEU A 6 18.65 -12.67 -3.68
CA LEU A 6 19.34 -13.68 -4.46
C LEU A 6 18.88 -13.61 -5.90
N THR A 7 19.76 -13.98 -6.82
CA THR A 7 19.37 -14.15 -8.21
C THR A 7 19.62 -15.59 -8.65
N LEU A 8 18.63 -16.19 -9.29
CA LEU A 8 18.72 -17.53 -9.84
C LEU A 8 18.95 -17.44 -11.34
N VAL A 9 20.04 -18.03 -11.82
CA VAL A 9 20.36 -18.05 -13.24
C VAL A 9 20.78 -19.48 -13.60
N GLY A 10 20.97 -19.72 -14.90
CA GLY A 10 21.18 -21.06 -15.42
C GLY A 10 20.27 -21.32 -16.61
N LEU A 11 20.58 -22.42 -17.30
CA LEU A 11 19.93 -22.68 -18.57
C LEU A 11 18.45 -22.99 -18.38
N GLN A 12 17.69 -22.79 -19.46
CA GLN A 12 16.30 -23.18 -19.49
C GLN A 12 16.16 -24.63 -19.05
N TYR A 13 15.03 -24.92 -18.41
CA TYR A 13 14.63 -26.26 -17.97
C TYR A 13 15.41 -26.77 -16.77
N SER A 14 16.30 -25.98 -16.17
CA SER A 14 17.11 -26.51 -15.07
C SER A 14 16.35 -26.62 -13.77
N GLY A 15 15.24 -25.89 -13.61
CA GLY A 15 14.43 -25.94 -12.41
C GLY A 15 14.42 -24.67 -11.52
N LYS A 16 14.83 -23.51 -12.06
CA LYS A 16 14.89 -22.28 -11.27
C LYS A 16 13.53 -21.88 -10.74
N THR A 17 12.52 -21.82 -11.60
CA THR A 17 11.19 -21.42 -11.13
C THR A 17 10.62 -22.46 -10.15
N THR A 18 10.82 -23.74 -10.44
CA THR A 18 10.44 -24.82 -9.52
C THR A 18 11.06 -24.59 -8.15
N PHE A 19 12.37 -24.32 -8.14
CA PHE A 19 13.08 -24.07 -6.89
C PHE A 19 12.45 -22.91 -6.12
N VAL A 20 12.16 -21.79 -6.81
CA VAL A 20 11.49 -20.67 -6.15
C VAL A 20 10.14 -21.10 -5.60
N ASN A 21 9.39 -21.89 -6.38
CA ASN A 21 8.06 -22.26 -5.92
C ASN A 21 8.15 -23.18 -4.72
N VAL A 22 9.14 -24.07 -4.72
CA VAL A 22 9.33 -25.00 -3.61
C VAL A 22 9.75 -24.25 -2.36
N ILE A 23 10.68 -23.28 -2.50
CA ILE A 23 11.10 -22.46 -1.37
C ILE A 23 9.94 -21.66 -0.80
N ALA A 24 9.14 -21.06 -1.68
CA ALA A 24 8.07 -20.16 -1.23
C ALA A 24 6.85 -20.94 -0.75
N SER A 25 6.46 -21.98 -1.49
CA SER A 25 5.17 -22.63 -1.24
C SER A 25 5.25 -24.14 -1.05
N GLY A 26 6.37 -24.78 -1.39
CA GLY A 26 6.43 -26.22 -1.32
C GLY A 26 5.80 -26.95 -2.50
N GLN A 27 5.28 -26.21 -3.48
CA GLN A 27 4.64 -26.77 -4.66
C GLN A 27 5.69 -27.20 -5.68
N PHE A 28 5.79 -28.51 -5.93
CA PHE A 28 6.46 -29.01 -7.12
C PHE A 28 5.41 -29.23 -8.21
N SER A 29 5.79 -29.01 -9.47
CA SER A 29 4.89 -29.42 -10.54
C SER A 29 5.70 -29.85 -11.77
N GLU A 30 5.26 -30.94 -12.40
CA GLU A 30 5.96 -31.53 -13.54
C GLU A 30 5.79 -30.68 -14.80
N ASP A 31 4.68 -29.97 -14.94
CA ASP A 31 4.43 -29.14 -16.09
C ASP A 31 4.73 -27.68 -15.74
N MET A 32 5.51 -27.03 -16.58
CA MET A 32 5.98 -25.67 -16.38
C MET A 32 6.08 -25.02 -17.74
N ILE A 33 6.00 -23.69 -17.76
CA ILE A 33 6.24 -22.96 -19.00
C ILE A 33 7.51 -22.16 -18.80
N PRO A 34 8.38 -22.04 -19.82
CA PRO A 34 9.62 -21.29 -19.63
C PRO A 34 9.35 -19.84 -19.22
N THR A 35 10.18 -19.33 -18.31
CA THR A 35 9.97 -17.98 -17.80
C THR A 35 10.36 -16.96 -18.85
N VAL A 36 9.46 -16.01 -19.13
CA VAL A 36 9.75 -14.94 -20.05
C VAL A 36 10.31 -13.77 -19.24
N GLY A 37 11.55 -13.38 -19.51
CA GLY A 37 12.12 -12.25 -18.78
C GLY A 37 12.54 -12.67 -17.37
N PHE A 38 11.81 -12.23 -16.35
CA PHE A 38 12.17 -12.62 -15.00
C PHE A 38 10.90 -12.81 -14.18
N ASN A 39 11.11 -13.48 -13.06
CA ASN A 39 10.12 -13.80 -12.06
C ASN A 39 10.74 -13.42 -10.72
N MET A 40 9.88 -13.23 -9.72
CA MET A 40 10.37 -12.85 -8.40
C MET A 40 9.38 -13.30 -7.33
N ARG A 41 9.91 -13.79 -6.23
CA ARG A 41 9.10 -14.02 -5.02
C ARG A 41 9.90 -13.60 -3.80
N LYS A 42 9.17 -13.17 -2.78
CA LYS A 42 9.73 -12.80 -1.49
C LYS A 42 9.32 -13.87 -0.50
N VAL A 43 10.31 -14.47 0.18
CA VAL A 43 10.05 -15.47 1.21
C VAL A 43 10.67 -15.00 2.52
N THR A 44 10.07 -15.44 3.63
CA THR A 44 10.64 -15.28 4.96
C THR A 44 10.99 -16.65 5.53
N LYS A 45 12.17 -16.74 6.15
CA LYS A 45 12.67 -17.96 6.76
C LYS A 45 13.33 -17.56 8.08
N GLY A 46 12.63 -17.82 9.19
CA GLY A 46 13.14 -17.33 10.48
C GLY A 46 12.99 -15.84 10.52
N ASN A 47 14.04 -15.12 10.93
CA ASN A 47 14.03 -13.68 10.86
C ASN A 47 14.69 -13.15 9.59
N VAL A 48 14.76 -13.95 8.54
CA VAL A 48 15.36 -13.56 7.27
C VAL A 48 14.27 -13.46 6.22
N THR A 49 14.17 -12.31 5.56
CA THR A 49 13.33 -12.19 4.37
C THR A 49 14.22 -12.13 3.14
N ILE A 50 13.88 -12.93 2.14
CA ILE A 50 14.71 -13.11 0.96
C ILE A 50 13.88 -12.78 -0.28
N LYS A 51 14.33 -11.80 -1.04
CA LYS A 51 13.79 -11.55 -2.37
C LYS A 51 14.58 -12.38 -3.38
N ILE A 52 13.91 -13.23 -4.14
CA ILE A 52 14.56 -14.13 -5.09
C ILE A 52 14.17 -13.75 -6.51
N TRP A 53 15.15 -13.31 -7.30
CA TRP A 53 14.98 -12.99 -8.72
C TRP A 53 15.26 -14.24 -9.56
N ASP A 54 14.24 -14.70 -10.27
CA ASP A 54 14.28 -15.96 -11.02
C ASP A 54 14.26 -15.56 -12.49
N ILE A 55 15.46 -15.61 -13.14
CA ILE A 55 15.61 -15.06 -14.48
C ILE A 55 15.38 -16.19 -15.49
N GLY A 56 14.81 -15.85 -16.64
CA GLY A 56 14.66 -16.83 -17.69
C GLY A 56 16.02 -17.32 -18.17
N GLY A 57 16.08 -18.60 -18.54
CA GLY A 57 17.33 -19.17 -18.98
C GLY A 57 17.43 -19.44 -20.47
N LEU A 58 16.34 -19.27 -21.22
CA LEU A 58 16.41 -19.43 -22.66
C LEU A 58 17.42 -18.45 -23.24
N PRO A 59 18.03 -18.79 -24.39
CA PRO A 59 19.07 -17.90 -24.96
C PRO A 59 18.73 -16.42 -24.97
N ARG A 60 17.54 -16.02 -25.44
CA ARG A 60 17.26 -14.58 -25.58
C ARG A 60 17.15 -13.83 -24.26
N PHE A 61 17.16 -14.51 -23.11
CA PHE A 61 17.12 -13.80 -21.83
C PHE A 61 18.46 -13.76 -21.11
N ARG A 62 19.49 -14.41 -21.66
CA ARG A 62 20.73 -14.57 -20.92
C ARG A 62 21.50 -13.26 -20.81
N SER A 63 21.32 -12.34 -21.76
CA SER A 63 21.88 -10.99 -21.60
C SER A 63 21.36 -10.29 -20.34
N MET A 64 20.18 -10.68 -19.82
CA MET A 64 19.65 -10.11 -18.59
C MET A 64 20.44 -10.53 -17.35
N TRP A 65 21.15 -11.66 -17.40
CA TRP A 65 21.69 -12.26 -16.18
C TRP A 65 22.63 -11.31 -15.44
N GLU A 66 23.62 -10.74 -16.15
CA GLU A 66 24.60 -9.85 -15.50
C GLU A 66 23.89 -8.72 -14.75
N ARG A 67 22.88 -8.12 -15.39
CA ARG A 67 22.18 -6.99 -14.76
C ARG A 67 21.49 -7.42 -13.48
N TYR A 68 20.79 -8.56 -13.50
CA TYR A 68 20.00 -8.94 -12.33
C TYR A 68 20.87 -9.56 -11.24
N CYS A 69 22.13 -9.87 -11.53
CA CYS A 69 23.07 -10.30 -10.52
C CYS A 69 23.80 -9.15 -9.83
N ARG A 70 23.74 -7.92 -10.37
CA ARG A 70 24.43 -6.79 -9.75
C ARG A 70 23.87 -6.50 -8.36
N GLY A 71 24.76 -6.42 -7.38
CA GLY A 71 24.43 -5.97 -6.05
C GLY A 71 23.73 -6.97 -5.16
N VAL A 72 23.52 -8.21 -5.62
CA VAL A 72 22.77 -9.16 -4.80
C VAL A 72 23.69 -9.82 -3.77
N ASN A 73 23.07 -10.42 -2.76
CA ASN A 73 23.82 -11.03 -1.68
C ASN A 73 24.46 -12.35 -2.13
N ALA A 74 23.87 -13.03 -3.10
CA ALA A 74 24.43 -14.28 -3.61
C ALA A 74 23.76 -14.63 -4.93
N ILE A 75 24.45 -15.44 -5.73
CA ILE A 75 23.95 -15.91 -7.01
C ILE A 75 23.81 -17.42 -6.92
N VAL A 76 22.65 -17.94 -7.35
CA VAL A 76 22.42 -19.37 -7.46
C VAL A 76 22.49 -19.74 -8.94
N TYR A 77 23.37 -20.67 -9.28
CA TYR A 77 23.52 -21.16 -10.66
C TYR A 77 22.94 -22.57 -10.75
N MET A 78 21.80 -22.70 -11.44
CA MET A 78 21.05 -23.95 -11.49
C MET A 78 21.43 -24.78 -12.72
N ILE A 79 21.62 -26.07 -12.50
CA ILE A 79 21.99 -27.01 -13.55
C ILE A 79 21.05 -28.18 -13.48
N ASP A 80 20.56 -28.62 -14.63
CA ASP A 80 19.91 -29.93 -14.73
C ASP A 80 21.00 -31.00 -14.70
N ALA A 81 21.22 -31.62 -13.53
CA ALA A 81 22.27 -32.62 -13.34
C ALA A 81 22.07 -33.88 -14.18
N ALA A 82 20.90 -34.07 -14.77
CA ALA A 82 20.63 -35.25 -15.59
C ALA A 82 20.71 -34.98 -17.09
N ASP A 83 21.01 -33.74 -17.49
CA ASP A 83 21.04 -33.33 -18.90
C ASP A 83 22.48 -33.06 -19.30
N ARG A 84 23.18 -34.15 -19.62
CA ARG A 84 24.59 -34.01 -19.93
C ARG A 84 24.83 -33.21 -21.21
N GLU A 85 23.87 -33.25 -22.15
CA GLU A 85 24.05 -32.50 -23.41
C GLU A 85 24.21 -31.00 -23.15
N LYS A 86 23.49 -30.47 -22.17
CA LYS A 86 23.53 -29.04 -21.86
C LYS A 86 24.74 -28.62 -21.03
N ILE A 87 25.56 -29.54 -20.56
CA ILE A 87 26.63 -29.17 -19.64
C ILE A 87 27.58 -28.17 -20.29
N GLU A 88 27.98 -28.40 -21.56
CA GLU A 88 28.93 -27.48 -22.22
C GLU A 88 28.40 -26.04 -22.23
N ALA A 89 27.15 -25.85 -22.67
CA ALA A 89 26.58 -24.49 -22.70
C ALA A 89 26.47 -23.92 -21.30
N SER A 90 26.08 -24.74 -20.32
CA SER A 90 25.86 -24.26 -18.97
C SER A 90 27.16 -23.79 -18.37
N ARG A 91 28.23 -24.55 -18.60
CA ARG A 91 29.55 -24.15 -18.12
C ARG A 91 30.02 -22.88 -18.81
N ASN A 92 29.85 -22.81 -20.14
CA ASN A 92 30.25 -21.62 -20.88
C ASN A 92 29.55 -20.37 -20.35
N GLU A 93 28.22 -20.46 -20.14
CA GLU A 93 27.45 -19.30 -19.68
C GLU A 93 27.85 -18.90 -18.26
N LEU A 94 28.11 -19.87 -17.38
CA LEU A 94 28.60 -19.60 -16.02
C LEU A 94 29.91 -18.79 -16.05
N HIS A 95 30.92 -19.30 -16.74
CA HIS A 95 32.20 -18.59 -16.69
C HIS A 95 32.10 -17.24 -17.38
N ASN A 96 31.33 -17.16 -18.45
CA ASN A 96 31.05 -15.87 -19.07
C ASN A 96 30.41 -14.91 -18.07
N LEU A 97 29.42 -15.39 -17.31
CA LEU A 97 28.76 -14.52 -16.35
C LEU A 97 29.74 -14.01 -15.30
N LEU A 98 30.55 -14.92 -14.72
CA LEU A 98 31.41 -14.54 -13.60
C LEU A 98 32.66 -13.78 -14.04
N ASP A 99 32.85 -13.63 -15.35
CA ASP A 99 33.88 -12.75 -15.88
C ASP A 99 33.50 -11.26 -15.77
N LYS A 100 32.23 -10.94 -15.59
CA LYS A 100 31.81 -9.52 -15.60
C LYS A 100 32.30 -8.80 -14.35
N PRO A 101 33.00 -7.67 -14.50
CA PRO A 101 33.63 -7.02 -13.33
C PRO A 101 32.64 -6.59 -12.27
N GLN A 102 31.44 -6.15 -12.68
CA GLN A 102 30.48 -5.66 -11.71
C GLN A 102 30.01 -6.74 -10.75
N LEU A 103 30.24 -8.02 -11.08
CA LEU A 103 29.83 -9.13 -10.21
C LEU A 103 30.97 -9.65 -9.34
N GLN A 104 32.12 -8.96 -9.32
CA GLN A 104 33.26 -9.41 -8.54
C GLN A 104 32.89 -9.69 -7.09
N GLY A 105 33.32 -10.85 -6.59
CA GLY A 105 33.24 -11.14 -5.17
C GLY A 105 31.89 -11.59 -4.66
N ILE A 106 30.87 -11.63 -5.50
CA ILE A 106 29.55 -12.06 -5.01
C ILE A 106 29.55 -13.58 -4.84
N PRO A 107 29.15 -14.11 -3.69
CA PRO A 107 29.17 -15.57 -3.49
C PRO A 107 28.28 -16.29 -4.50
N VAL A 108 28.71 -17.50 -4.89
CA VAL A 108 27.98 -18.29 -5.88
C VAL A 108 27.75 -19.70 -5.37
N LEU A 109 26.51 -20.15 -5.45
CA LEU A 109 26.12 -21.50 -5.09
C LEU A 109 25.63 -22.19 -6.35
N VAL A 110 26.39 -23.21 -6.81
CA VAL A 110 26.02 -24.00 -7.98
C VAL A 110 25.18 -25.18 -7.52
N LEU A 111 24.01 -25.37 -8.14
CA LEU A 111 23.10 -26.40 -7.67
C LEU A 111 22.88 -27.42 -8.76
N GLY A 112 23.20 -28.68 -8.46
CA GLY A 112 22.90 -29.71 -9.44
C GLY A 112 21.56 -30.30 -9.15
N ASN A 113 20.53 -29.75 -9.81
CA ASN A 113 19.15 -30.10 -9.55
C ASN A 113 18.77 -31.40 -10.24
N LYS A 114 17.65 -31.98 -9.78
CA LYS A 114 17.05 -33.20 -10.33
C LYS A 114 17.86 -34.44 -9.98
N ARG A 115 18.51 -34.42 -8.81
CA ARG A 115 19.22 -35.58 -8.25
C ARG A 115 18.32 -36.81 -8.15
N ASP A 116 16.99 -36.63 -8.10
CA ASP A 116 16.06 -37.75 -8.09
C ASP A 116 16.06 -38.52 -9.40
N LEU A 117 16.55 -37.94 -10.48
CA LEU A 117 16.50 -38.70 -11.73
C LEU A 117 17.63 -39.74 -11.77
N PRO A 118 17.37 -40.90 -12.37
CA PRO A 118 18.42 -41.92 -12.48
C PRO A 118 19.60 -41.43 -13.33
N ASN A 119 20.80 -41.79 -12.87
CA ASN A 119 22.06 -41.26 -13.39
C ASN A 119 22.02 -39.76 -13.59
N ALA A 120 21.48 -39.04 -12.60
CA ALA A 120 21.85 -37.64 -12.44
C ALA A 120 23.30 -37.56 -11.94
N LEU A 121 24.05 -36.60 -12.48
CA LEU A 121 25.39 -36.33 -11.96
C LEU A 121 25.31 -35.84 -10.52
N ASP A 122 26.31 -36.21 -9.72
CA ASP A 122 26.37 -35.66 -8.37
C ASP A 122 27.23 -34.40 -8.34
N GLU A 123 27.28 -33.77 -7.15
CA GLU A 123 27.90 -32.45 -7.03
C GLU A 123 29.39 -32.52 -7.33
N LYS A 124 30.06 -33.64 -7.01
CA LYS A 124 31.50 -33.71 -7.27
C LYS A 124 31.79 -33.91 -8.75
N GLN A 125 30.95 -34.68 -9.46
CA GLN A 125 31.08 -34.78 -10.91
C GLN A 125 30.83 -33.43 -11.58
N LEU A 126 29.84 -32.67 -11.08
CA LEU A 126 29.55 -31.35 -11.64
C LEU A 126 30.69 -30.38 -11.38
N ILE A 127 31.28 -30.43 -10.18
CA ILE A 127 32.43 -29.58 -9.88
C ILE A 127 33.48 -29.73 -10.95
N GLU A 128 33.74 -30.98 -11.35
CA GLU A 128 34.74 -31.24 -12.38
C GLU A 128 34.24 -30.85 -13.76
N LYS A 129 33.04 -31.30 -14.13
CA LYS A 129 32.57 -31.09 -15.49
C LYS A 129 32.25 -29.62 -15.76
N MET A 130 32.01 -28.83 -14.73
CA MET A 130 31.74 -27.39 -14.90
C MET A 130 33.01 -26.55 -14.75
N ASN A 131 34.15 -27.20 -14.51
CA ASN A 131 35.42 -26.52 -14.26
C ASN A 131 35.28 -25.44 -13.19
N LEU A 132 34.65 -25.80 -12.06
CA LEU A 132 34.39 -24.78 -11.04
C LEU A 132 35.67 -24.27 -10.41
N SER A 133 36.77 -25.05 -10.46
CA SER A 133 37.99 -24.62 -9.81
C SER A 133 38.60 -23.39 -10.49
N ALA A 134 38.11 -23.00 -11.66
CA ALA A 134 38.56 -21.74 -12.26
C ALA A 134 38.06 -20.52 -11.52
N ILE A 135 36.99 -20.66 -10.75
CA ILE A 135 36.34 -19.54 -10.06
C ILE A 135 37.06 -19.30 -8.74
N GLN A 136 37.81 -18.20 -8.65
CA GLN A 136 38.69 -18.02 -7.49
C GLN A 136 38.57 -16.64 -6.85
N ASP A 137 37.49 -15.92 -7.16
N ASP A 137 37.58 -15.83 -7.15
CA ASP A 137 37.35 -14.52 -6.80
CA ASP A 137 37.56 -14.52 -6.50
C ASP A 137 36.19 -14.28 -5.83
C ASP A 137 36.24 -14.27 -5.78
N ARG A 138 35.72 -15.32 -5.13
CA ARG A 138 34.46 -15.31 -4.41
C ARG A 138 34.30 -16.63 -3.70
N GLU A 139 33.43 -16.64 -2.69
N GLU A 139 33.41 -16.64 -2.69
CA GLU A 139 32.98 -17.90 -2.12
CA GLU A 139 32.96 -17.89 -2.11
C GLU A 139 32.18 -18.67 -3.16
C GLU A 139 32.16 -18.67 -3.14
N ILE A 140 32.45 -19.97 -3.27
CA ILE A 140 31.79 -20.79 -4.27
C ILE A 140 31.66 -22.19 -3.71
N CYS A 141 30.52 -22.81 -3.98
CA CYS A 141 30.13 -24.08 -3.38
C CYS A 141 29.19 -24.78 -4.36
N CYS A 142 29.13 -26.11 -4.28
CA CYS A 142 28.28 -26.89 -5.20
C CYS A 142 27.54 -27.96 -4.41
N TYR A 143 26.20 -27.97 -4.51
CA TYR A 143 25.38 -28.99 -3.86
C TYR A 143 24.52 -29.71 -4.89
N SER A 144 24.26 -30.98 -4.61
CA SER A 144 23.29 -31.78 -5.34
C SER A 144 21.93 -31.63 -4.64
N ILE A 145 20.88 -31.27 -5.39
CA ILE A 145 19.56 -31.13 -4.80
C ILE A 145 18.52 -31.83 -5.66
N SER A 146 17.30 -31.95 -5.11
CA SER A 146 16.14 -32.33 -5.91
C SER A 146 14.97 -31.50 -5.42
N CYS A 147 14.45 -30.63 -6.29
CA CYS A 147 13.23 -29.88 -5.97
C CYS A 147 12.05 -30.80 -5.82
N LYS A 148 12.01 -31.86 -6.64
CA LYS A 148 10.90 -32.80 -6.60
C LYS A 148 10.80 -33.47 -5.22
N GLU A 149 11.89 -34.08 -4.75
CA GLU A 149 11.83 -34.86 -3.51
C GLU A 149 12.49 -34.14 -2.34
N LYS A 150 12.88 -32.88 -2.52
CA LYS A 150 13.32 -31.94 -1.46
C LYS A 150 14.71 -32.23 -0.90
N ASP A 151 15.53 -33.05 -1.56
CA ASP A 151 16.86 -33.34 -1.05
C ASP A 151 17.75 -32.09 -1.03
N ASN A 152 18.32 -31.81 0.14
CA ASN A 152 19.30 -30.73 0.36
C ASN A 152 18.73 -29.34 0.15
N ILE A 153 17.42 -29.19 0.18
CA ILE A 153 16.86 -27.84 0.09
C ILE A 153 17.17 -27.08 1.37
N ASP A 154 17.06 -27.77 2.51
CA ASP A 154 17.43 -27.25 3.82
C ASP A 154 18.80 -26.58 3.79
N ILE A 155 19.86 -27.35 3.51
CA ILE A 155 21.20 -26.78 3.58
C ILE A 155 21.45 -25.78 2.48
N THR A 156 20.78 -25.92 1.33
CA THR A 156 20.87 -24.89 0.30
C THR A 156 20.46 -23.54 0.89
N LEU A 157 19.33 -23.52 1.59
CA LEU A 157 18.85 -22.31 2.22
C LEU A 157 19.81 -21.84 3.29
N GLN A 158 20.31 -22.78 4.11
CA GLN A 158 21.20 -22.37 5.20
C GLN A 158 22.49 -21.77 4.65
N TRP A 159 22.98 -22.28 3.52
CA TRP A 159 24.20 -21.73 2.91
C TRP A 159 23.98 -20.32 2.39
N LEU A 160 22.80 -20.05 1.83
CA LEU A 160 22.54 -18.74 1.26
C LEU A 160 22.28 -17.71 2.35
N ILE A 161 21.53 -18.09 3.39
CA ILE A 161 21.27 -17.22 4.53
C ILE A 161 22.55 -16.75 5.20
N GLN A 162 23.63 -17.53 5.09
CA GLN A 162 24.90 -17.13 5.69
C GLN A 162 25.44 -15.83 5.11
N HIS A 163 24.83 -15.29 4.05
CA HIS A 163 25.30 -14.07 3.41
C HIS A 163 24.24 -12.95 3.46
N SER A 164 23.62 -12.78 4.62
CA SER A 164 22.57 -11.78 4.78
C SER A 164 23.10 -10.47 5.36
N LYS B 1 1.54 7.11 37.69
CA LYS B 1 0.87 6.97 36.39
C LYS B 1 0.66 8.33 35.74
N GLU B 2 1.16 8.49 34.52
CA GLU B 2 1.03 9.75 33.79
C GLU B 2 0.60 9.48 32.36
N GLU B 3 -0.33 10.30 31.87
CA GLU B 3 -0.83 10.18 30.51
C GLU B 3 -0.90 11.56 29.87
N MET B 4 -0.82 11.57 28.54
CA MET B 4 -0.94 12.80 27.77
C MET B 4 -1.27 12.41 26.35
N GLU B 5 -1.92 13.33 25.63
CA GLU B 5 -2.25 13.13 24.23
C GLU B 5 -1.48 14.12 23.38
N LEU B 6 -1.09 13.64 22.21
CA LEU B 6 -0.34 14.38 21.22
CA LEU B 6 -0.37 14.42 21.24
C LEU B 6 -1.05 14.26 19.89
N THR B 7 -1.06 15.34 19.10
CA THR B 7 -1.53 15.23 17.72
C THR B 7 -0.41 15.64 16.77
N LEU B 8 -0.18 14.79 15.76
CA LEU B 8 0.87 14.98 14.77
CA LEU B 8 0.87 14.96 14.77
C LEU B 8 0.23 15.43 13.47
N VAL B 9 0.61 16.63 13.01
CA VAL B 9 0.12 17.18 11.76
C VAL B 9 1.30 17.75 10.98
N GLY B 10 1.04 18.23 9.76
CA GLY B 10 2.12 18.60 8.84
C GLY B 10 1.86 17.99 7.47
N LEU B 11 2.53 18.47 6.42
CA LEU B 11 2.15 18.06 5.08
C LEU B 11 2.41 16.57 4.85
N GLN B 12 1.73 16.03 3.84
CA GLN B 12 1.99 14.66 3.41
C GLN B 12 3.49 14.47 3.20
N TYR B 13 3.93 13.24 3.42
CA TYR B 13 5.31 12.81 3.20
C TYR B 13 6.23 13.29 4.31
N SER B 14 5.71 13.64 5.52
CA SER B 14 6.71 14.53 6.15
C SER B 14 7.52 13.81 7.20
N GLY B 15 7.08 12.61 7.56
CA GLY B 15 7.76 11.71 8.48
C GLY B 15 6.91 11.48 9.71
N LYS B 16 5.63 11.89 9.65
CA LYS B 16 4.76 11.77 10.82
C LYS B 16 4.60 10.31 11.23
N THR B 17 4.18 9.47 10.28
CA THR B 17 3.99 8.06 10.64
C THR B 17 5.33 7.41 10.95
N THR B 18 6.37 7.79 10.19
CA THR B 18 7.72 7.28 10.49
C THR B 18 8.11 7.62 11.92
N PHE B 19 7.82 8.85 12.34
CA PHE B 19 8.23 9.33 13.66
C PHE B 19 7.58 8.51 14.77
N VAL B 20 6.27 8.26 14.67
CA VAL B 20 5.59 7.38 15.61
C VAL B 20 6.25 5.99 15.63
N ASN B 21 6.46 5.42 14.45
CA ASN B 21 7.09 4.10 14.39
C ASN B 21 8.46 4.10 15.06
N VAL B 22 9.23 5.17 14.88
CA VAL B 22 10.60 5.20 15.39
C VAL B 22 10.61 5.28 16.91
N ILE B 23 9.68 6.04 17.50
CA ILE B 23 9.69 6.17 18.95
C ILE B 23 8.97 4.99 19.62
N ALA B 24 8.17 4.25 18.87
CA ALA B 24 7.54 3.04 19.40
C ALA B 24 8.41 1.81 19.23
N SER B 25 9.16 1.74 18.14
CA SER B 25 9.91 0.53 17.79
C SER B 25 11.33 0.77 17.30
N GLY B 26 11.73 2.01 17.00
CA GLY B 26 13.01 2.21 16.35
C GLY B 26 13.06 1.73 14.91
N GLN B 27 11.91 1.57 14.25
CA GLN B 27 11.82 1.00 12.91
C GLN B 27 11.59 2.12 11.90
N PHE B 28 12.59 2.36 11.06
CA PHE B 28 12.48 3.26 9.93
C PHE B 28 12.28 2.45 8.65
N SER B 29 11.52 3.01 7.71
CA SER B 29 11.27 2.32 6.47
C SER B 29 11.22 3.34 5.34
N GLU B 30 11.95 3.06 4.27
CA GLU B 30 12.05 4.05 3.19
C GLU B 30 10.78 4.10 2.37
N ASP B 31 10.06 2.99 2.25
CA ASP B 31 8.80 2.94 1.51
C ASP B 31 7.65 3.01 2.51
N MET B 32 6.73 3.94 2.28
CA MET B 32 5.61 4.17 3.17
C MET B 32 4.37 4.40 2.33
N ILE B 33 3.22 4.15 2.91
CA ILE B 33 1.94 4.47 2.31
C ILE B 33 1.39 5.73 2.99
N PRO B 34 0.91 6.71 2.23
CA PRO B 34 0.35 7.91 2.88
C PRO B 34 -0.85 7.53 3.74
N THR B 35 -0.98 8.22 4.87
CA THR B 35 -1.98 7.86 5.88
C THR B 35 -3.35 8.33 5.44
N VAL B 36 -4.32 7.42 5.41
CA VAL B 36 -5.71 7.83 5.25
C VAL B 36 -6.28 8.12 6.64
N GLY B 37 -6.87 9.31 6.79
CA GLY B 37 -7.54 9.65 8.03
C GLY B 37 -6.57 9.79 9.18
N PHE B 38 -6.56 8.84 10.10
CA PHE B 38 -5.64 8.93 11.23
C PHE B 38 -5.18 7.55 11.62
N ASN B 39 -3.97 7.49 12.18
CA ASN B 39 -3.50 6.38 12.99
C ASN B 39 -3.52 6.82 14.45
N MET B 40 -3.56 5.84 15.34
CA MET B 40 -3.46 6.21 16.74
C MET B 40 -2.66 5.14 17.43
N ARG B 41 -1.74 5.56 18.29
CA ARG B 41 -0.90 4.62 18.98
C ARG B 41 -0.57 5.20 20.35
N LYS B 42 -0.45 4.31 21.34
CA LYS B 42 0.05 4.69 22.65
C LYS B 42 1.50 4.21 22.78
N VAL B 43 2.36 5.14 23.16
CA VAL B 43 3.77 4.89 23.45
C VAL B 43 3.99 5.25 24.91
N THR B 44 4.62 4.34 25.65
CA THR B 44 4.95 4.61 27.05
C THR B 44 6.43 4.90 27.16
N LYS B 45 6.77 6.02 27.78
CA LYS B 45 8.15 6.46 27.94
C LYS B 45 8.28 7.03 29.35
N GLY B 46 9.00 6.32 30.22
CA GLY B 46 9.02 6.68 31.62
C GLY B 46 7.74 6.25 32.33
N ASN B 47 7.31 7.07 33.29
CA ASN B 47 5.98 6.90 33.88
C ASN B 47 4.88 7.54 33.03
N VAL B 48 5.17 7.85 31.77
CA VAL B 48 4.27 8.65 30.92
C VAL B 48 3.88 7.83 29.70
N THR B 49 2.58 7.58 29.54
CA THR B 49 2.07 7.01 28.30
C THR B 49 1.52 8.11 27.41
N ILE B 50 2.02 8.15 26.18
CA ILE B 50 1.67 9.19 25.22
C ILE B 50 0.74 8.56 24.19
N LYS B 51 -0.48 9.07 24.13
CA LYS B 51 -1.42 8.69 23.10
C LYS B 51 -1.26 9.65 21.92
N ILE B 52 -0.94 9.11 20.76
CA ILE B 52 -0.54 9.91 19.61
C ILE B 52 -1.60 9.76 18.52
N TRP B 53 -2.21 10.88 18.12
CA TRP B 53 -3.08 10.95 16.96
C TRP B 53 -2.23 11.41 15.76
N ASP B 54 -2.00 10.51 14.80
CA ASP B 54 -1.14 10.72 13.63
C ASP B 54 -2.09 10.93 12.43
N ILE B 55 -2.23 12.20 11.99
CA ILE B 55 -3.22 12.51 10.97
C ILE B 55 -2.57 12.50 9.60
N GLY B 56 -3.32 12.10 8.57
CA GLY B 56 -2.83 12.23 7.21
C GLY B 56 -2.58 13.70 6.85
N GLY B 57 -1.52 13.93 6.06
CA GLY B 57 -1.11 15.28 5.73
C GLY B 57 -1.56 15.78 4.37
N LEU B 58 -2.17 14.90 3.57
CA LEU B 58 -2.60 15.25 2.22
C LEU B 58 -3.74 16.27 2.30
N PRO B 59 -3.87 17.12 1.27
CA PRO B 59 -4.91 18.17 1.33
C PRO B 59 -6.27 17.64 1.77
N ARG B 60 -6.70 16.46 1.29
CA ARG B 60 -8.05 15.99 1.59
C ARG B 60 -8.25 15.68 3.08
N PHE B 61 -7.18 15.50 3.86
CA PHE B 61 -7.36 15.22 5.29
C PHE B 61 -7.12 16.45 6.19
N ARG B 62 -6.84 17.63 5.62
CA ARG B 62 -6.40 18.72 6.49
C ARG B 62 -7.54 19.35 7.29
N SER B 63 -8.79 19.21 6.85
CA SER B 63 -9.82 19.72 7.74
C SER B 63 -10.00 18.87 8.99
N MET B 64 -9.40 17.68 9.00
CA MET B 64 -9.38 16.89 10.23
C MET B 64 -8.45 17.49 11.28
N TRP B 65 -7.39 18.20 10.86
CA TRP B 65 -6.33 18.58 11.81
C TRP B 65 -6.89 19.33 13.02
N GLU B 66 -7.73 20.33 12.79
CA GLU B 66 -8.22 21.12 13.91
C GLU B 66 -9.07 20.28 14.86
N ARG B 67 -9.87 19.36 14.32
CA ARG B 67 -10.67 18.47 15.16
C ARG B 67 -9.78 17.65 16.09
N TYR B 68 -8.74 17.01 15.54
CA TYR B 68 -7.93 16.09 16.32
C TYR B 68 -6.95 16.82 17.24
N CYS B 69 -6.69 18.10 17.01
CA CYS B 69 -5.88 18.90 17.93
C CYS B 69 -6.67 19.38 19.13
N ARG B 70 -8.00 19.32 19.08
CA ARG B 70 -8.82 19.79 20.19
C ARG B 70 -8.53 19.00 21.47
N GLY B 71 -8.20 19.72 22.54
CA GLY B 71 -8.07 19.11 23.85
C GLY B 71 -6.80 18.31 24.11
N VAL B 72 -5.82 18.29 23.20
CA VAL B 72 -4.60 17.52 23.43
C VAL B 72 -3.59 18.35 24.22
N ASN B 73 -2.56 17.69 24.77
CA ASN B 73 -1.59 18.39 25.60
C ASN B 73 -0.53 19.08 24.76
N ALA B 74 -0.30 18.62 23.54
CA ALA B 74 0.67 19.28 22.67
C ALA B 74 0.40 18.89 21.23
N ILE B 75 0.84 19.75 20.32
CA ILE B 75 0.76 19.52 18.88
C ILE B 75 2.19 19.42 18.36
N VAL B 76 2.47 18.40 17.54
CA VAL B 76 3.73 18.32 16.80
C VAL B 76 3.45 18.68 15.36
N TYR B 77 4.20 19.66 14.83
CA TYR B 77 4.06 20.08 13.43
C TYR B 77 5.28 19.59 12.65
N MET B 78 5.07 18.63 11.75
CA MET B 78 6.18 17.97 11.07
C MET B 78 6.45 18.59 9.70
N ILE B 79 7.73 18.80 9.41
CA ILE B 79 8.19 19.41 8.17
C ILE B 79 9.27 18.55 7.55
N ASP B 80 9.16 18.32 6.24
CA ASP B 80 10.27 17.78 5.47
C ASP B 80 11.23 18.96 5.26
N ALA B 81 12.31 19.01 6.06
CA ALA B 81 13.28 20.11 6.02
C ALA B 81 14.06 20.16 4.71
N ALA B 82 14.02 19.10 3.92
CA ALA B 82 14.75 19.00 2.66
C ALA B 82 13.90 19.35 1.45
N ASP B 83 12.62 19.67 1.65
CA ASP B 83 11.71 19.95 0.55
C ASP B 83 11.35 21.44 0.60
N ARG B 84 12.22 22.27 0.02
CA ARG B 84 12.06 23.70 0.12
C ARG B 84 10.84 24.21 -0.63
N GLU B 85 10.43 23.52 -1.71
CA GLU B 85 9.30 23.99 -2.51
C GLU B 85 7.96 23.82 -1.79
N LYS B 86 7.91 23.00 -0.73
CA LYS B 86 6.69 22.87 0.06
C LYS B 86 6.65 23.78 1.29
N ILE B 87 7.72 24.54 1.56
CA ILE B 87 7.76 25.34 2.79
C ILE B 87 6.62 26.36 2.82
N GLU B 88 6.33 26.99 1.68
CA GLU B 88 5.20 27.93 1.64
C GLU B 88 3.89 27.24 2.03
N ALA B 89 3.57 26.12 1.36
CA ALA B 89 2.38 25.35 1.73
C ALA B 89 2.40 24.98 3.21
N SER B 90 3.54 24.47 3.69
CA SER B 90 3.63 24.06 5.09
C SER B 90 3.35 25.21 6.03
N ARG B 91 3.94 26.35 5.75
CA ARG B 91 3.78 27.54 6.58
C ARG B 91 2.32 27.97 6.62
N ASN B 92 1.68 28.00 5.45
CA ASN B 92 0.30 28.46 5.35
C ASN B 92 -0.64 27.54 6.11
N GLU B 93 -0.41 26.22 6.05
CA GLU B 93 -1.26 25.29 6.78
C GLU B 93 -1.03 25.37 8.28
N LEU B 94 0.22 25.58 8.71
CA LEU B 94 0.46 25.78 10.13
C LEU B 94 -0.27 27.02 10.64
N HIS B 95 -0.14 28.14 9.95
CA HIS B 95 -0.79 29.35 10.47
C HIS B 95 -2.31 29.29 10.33
N ASN B 96 -2.81 28.60 9.29
CA ASN B 96 -4.26 28.34 9.20
C ASN B 96 -4.73 27.56 10.42
N LEU B 97 -4.01 26.50 10.76
CA LEU B 97 -4.36 25.68 11.92
C LEU B 97 -4.42 26.51 13.20
N LEU B 98 -3.36 27.26 13.47
CA LEU B 98 -3.28 27.97 14.74
C LEU B 98 -4.16 29.21 14.77
N ASP B 99 -4.81 29.56 13.66
CA ASP B 99 -5.86 30.57 13.69
C ASP B 99 -7.09 30.10 14.47
N LYS B 100 -7.26 28.78 14.67
CA LYS B 100 -8.52 28.25 15.20
C LYS B 100 -8.65 28.52 16.69
N PRO B 101 -9.67 29.29 17.13
CA PRO B 101 -9.76 29.66 18.55
C PRO B 101 -9.76 28.50 19.51
N GLN B 102 -10.36 27.36 19.12
CA GLN B 102 -10.41 26.21 20.00
C GLN B 102 -9.03 25.64 20.30
N LEU B 103 -8.01 26.02 19.54
CA LEU B 103 -6.66 25.52 19.76
C LEU B 103 -5.79 26.50 20.55
N GLN B 104 -6.36 27.58 21.09
CA GLN B 104 -5.52 28.59 21.72
C GLN B 104 -4.74 28.01 22.90
N GLY B 105 -3.47 28.38 23.02
CA GLY B 105 -2.67 28.03 24.17
C GLY B 105 -2.03 26.63 24.16
N ILE B 106 -2.43 25.75 23.24
CA ILE B 106 -1.83 24.40 23.19
C ILE B 106 -0.39 24.48 22.71
N PRO B 107 0.57 23.94 23.45
CA PRO B 107 1.98 24.03 23.03
C PRO B 107 2.20 23.33 21.69
N VAL B 108 3.09 23.91 20.89
CA VAL B 108 3.39 23.42 19.56
C VAL B 108 4.89 23.15 19.47
N LEU B 109 5.26 21.94 19.05
CA LEU B 109 6.65 21.66 18.75
C LEU B 109 6.78 21.47 17.24
N VAL B 110 7.56 22.33 16.61
CA VAL B 110 7.79 22.22 15.17
C VAL B 110 9.05 21.41 14.96
N LEU B 111 8.96 20.39 14.12
CA LEU B 111 10.09 19.47 13.87
C LEU B 111 10.53 19.57 12.41
N GLY B 112 11.79 19.94 12.19
CA GLY B 112 12.35 19.89 10.85
C GLY B 112 13.02 18.55 10.61
N ASN B 113 12.25 17.64 10.04
CA ASN B 113 12.63 16.25 9.90
C ASN B 113 13.50 16.08 8.65
N LYS B 114 14.14 14.91 8.54
CA LYS B 114 15.03 14.54 7.43
C LYS B 114 16.31 15.38 7.41
N ARG B 115 16.84 15.71 8.59
CA ARG B 115 18.08 16.49 8.63
C ARG B 115 19.25 15.71 8.04
N ASP B 116 19.13 14.37 7.95
CA ASP B 116 20.14 13.54 7.30
C ASP B 116 20.23 13.80 5.80
N LEU B 117 19.24 14.43 5.21
CA LEU B 117 19.33 14.64 3.77
C LEU B 117 20.30 15.78 3.48
N PRO B 118 20.98 15.73 2.33
CA PRO B 118 21.90 16.82 2.01
C PRO B 118 21.14 18.14 1.88
N ASN B 119 21.68 19.18 2.53
CA ASN B 119 21.15 20.54 2.42
C ASN B 119 19.71 20.66 2.95
N ALA B 120 19.31 19.76 3.84
CA ALA B 120 18.15 20.02 4.68
C ALA B 120 18.34 21.32 5.44
N LEU B 121 17.25 22.06 5.62
CA LEU B 121 17.29 23.22 6.48
C LEU B 121 17.44 22.81 7.94
N ASP B 122 18.10 23.66 8.72
CA ASP B 122 18.21 23.44 10.15
C ASP B 122 17.12 24.24 10.90
N GLU B 123 17.13 24.12 12.23
CA GLU B 123 16.04 24.65 13.04
C GLU B 123 15.92 26.17 12.93
N LYS B 124 17.06 26.88 12.90
CA LYS B 124 17.01 28.34 12.88
C LYS B 124 16.54 28.86 11.51
N GLN B 125 16.90 28.16 10.44
CA GLN B 125 16.38 28.52 9.12
C GLN B 125 14.87 28.30 9.05
N LEU B 126 14.40 27.16 9.56
CA LEU B 126 12.96 26.89 9.52
C LEU B 126 12.20 27.89 10.37
N ILE B 127 12.75 28.28 11.52
CA ILE B 127 12.09 29.27 12.36
C ILE B 127 11.74 30.49 11.52
N GLU B 128 12.70 30.98 10.72
CA GLU B 128 12.47 32.16 9.89
C GLU B 128 11.50 31.86 8.74
N LYS B 129 11.76 30.78 7.99
CA LYS B 129 10.98 30.57 6.79
C LYS B 129 9.56 30.12 7.09
N MET B 130 9.30 29.62 8.30
CA MET B 130 7.96 29.25 8.71
C MET B 130 7.23 30.38 9.42
N ASN B 131 7.88 31.54 9.61
CA ASN B 131 7.32 32.69 10.33
C ASN B 131 6.83 32.27 11.71
N LEU B 132 7.62 31.45 12.40
CA LEU B 132 7.23 31.03 13.74
C LEU B 132 7.12 32.21 14.71
N SER B 133 7.86 33.30 14.49
CA SER B 133 7.75 34.44 15.40
C SER B 133 6.37 35.08 15.38
N ALA B 134 5.52 34.78 14.38
CA ALA B 134 4.15 35.28 14.39
C ALA B 134 3.23 34.50 15.32
N ILE B 135 3.70 33.40 15.92
CA ILE B 135 2.90 32.56 16.81
C ILE B 135 3.25 32.97 18.23
N GLN B 136 2.31 33.63 18.92
CA GLN B 136 2.66 34.22 20.22
C GLN B 136 1.62 33.91 21.29
N ASP B 137 0.78 32.90 21.08
CA ASP B 137 -0.33 32.62 21.99
C ASP B 137 -0.11 31.33 22.81
N ARG B 138 1.14 30.87 22.92
CA ARG B 138 1.40 29.49 23.34
C ARG B 138 2.90 29.27 23.41
N GLU B 139 3.30 28.24 24.16
CA GLU B 139 4.65 27.73 24.06
C GLU B 139 4.90 27.18 22.66
N ILE B 140 6.04 27.55 22.08
CA ILE B 140 6.41 27.04 20.76
C ILE B 140 7.92 26.92 20.70
N CYS B 141 8.38 25.88 20.00
CA CYS B 141 9.78 25.49 19.90
C CYS B 141 9.98 24.81 18.57
N CYS B 142 11.21 24.87 18.05
CA CYS B 142 11.57 24.19 16.81
C CYS B 142 12.86 23.41 16.98
N TYR B 143 12.82 22.12 16.66
CA TYR B 143 13.99 21.25 16.64
C TYR B 143 14.19 20.64 15.26
N SER B 144 15.45 20.35 14.96
CA SER B 144 15.83 19.68 13.72
C SER B 144 16.14 18.23 14.08
N ILE B 145 15.52 17.29 13.37
CA ILE B 145 15.63 15.88 13.71
C ILE B 145 15.84 15.09 12.44
N SER B 146 16.24 13.82 12.62
CA SER B 146 16.17 12.84 11.56
C SER B 146 15.62 11.55 12.16
N CYS B 147 14.46 11.10 11.67
CA CYS B 147 13.94 9.80 12.09
C CYS B 147 14.77 8.66 11.52
N LYS B 148 15.31 8.84 10.31
CA LYS B 148 16.17 7.83 9.71
C LYS B 148 17.39 7.57 10.58
N GLU B 149 18.16 8.61 10.87
CA GLU B 149 19.39 8.52 11.65
C GLU B 149 19.16 8.60 13.16
N LYS B 150 17.92 8.76 13.59
CA LYS B 150 17.57 8.79 15.01
C LYS B 150 18.32 9.91 15.75
N ASP B 151 18.31 11.11 15.18
CA ASP B 151 18.98 12.26 15.78
C ASP B 151 17.97 13.24 16.36
N ASN B 152 18.23 13.67 17.60
CA ASN B 152 17.40 14.63 18.33
C ASN B 152 16.01 14.12 18.60
N ILE B 153 15.81 12.80 18.46
CA ILE B 153 14.57 12.21 18.94
C ILE B 153 14.50 12.34 20.45
N ASP B 154 15.65 12.21 21.12
CA ASP B 154 15.68 12.27 22.58
C ASP B 154 15.15 13.61 23.08
N ILE B 155 15.67 14.71 22.53
CA ILE B 155 15.26 16.02 23.03
C ILE B 155 13.82 16.32 22.62
N THR B 156 13.36 15.75 21.51
CA THR B 156 11.97 15.91 21.11
C THR B 156 11.01 15.35 22.15
N LEU B 157 11.27 14.11 22.58
CA LEU B 157 10.43 13.47 23.61
C LEU B 157 10.52 14.19 24.94
N GLN B 158 11.71 14.61 25.34
CA GLN B 158 11.85 15.36 26.60
C GLN B 158 11.01 16.63 26.60
N TRP B 159 11.02 17.37 25.49
CA TRP B 159 10.17 18.55 25.36
C TRP B 159 8.69 18.18 25.50
N LEU B 160 8.25 17.19 24.73
CA LEU B 160 6.84 16.77 24.78
C LEU B 160 6.40 16.36 26.18
N ILE B 161 7.21 15.56 26.88
CA ILE B 161 6.79 15.02 28.17
C ILE B 161 6.73 16.09 29.25
N GLN B 162 7.43 17.21 29.08
CA GLN B 162 7.25 18.31 30.03
C GLN B 162 5.82 18.87 30.01
N HIS B 163 4.99 18.50 29.02
CA HIS B 163 3.58 18.90 28.96
C HIS B 163 2.63 17.75 29.30
N SER B 164 3.12 16.80 30.09
CA SER B 164 2.26 15.85 30.76
C SER B 164 1.81 16.45 32.09
N ASP C 1 -19.62 4.03 -14.42
CA ASP C 1 -18.38 4.79 -14.54
C ASP C 1 -17.20 4.36 -13.63
N PRO C 2 -17.42 3.65 -12.51
CA PRO C 2 -16.25 3.00 -11.87
C PRO C 2 -15.51 2.11 -12.84
N GLN C 3 -16.17 1.76 -13.96
CA GLN C 3 -15.68 0.87 -14.97
C GLN C 3 -15.55 1.49 -16.36
N ALA C 4 -16.16 2.66 -16.61
CA ALA C 4 -16.31 3.14 -17.99
C ALA C 4 -15.00 3.54 -18.68
N ALA C 5 -13.95 3.91 -17.94
CA ALA C 5 -12.72 4.28 -18.65
C ALA C 5 -11.96 3.06 -19.19
N ILE C 6 -12.30 1.85 -18.74
CA ILE C 6 -11.53 0.66 -19.12
C ILE C 6 -11.57 0.41 -20.63
N PRO C 7 -12.74 0.37 -21.30
CA PRO C 7 -12.70 0.20 -22.76
C PRO C 7 -12.03 1.38 -23.47
N VAL C 8 -12.10 2.59 -22.91
CA VAL C 8 -11.42 3.73 -23.51
C VAL C 8 -9.91 3.49 -23.51
N ILE C 9 -9.36 3.17 -22.34
CA ILE C 9 -7.95 2.84 -22.21
C ILE C 9 -7.56 1.74 -23.19
N LYS C 10 -8.36 0.67 -23.25
CA LYS C 10 -7.98 -0.50 -24.06
C LYS C 10 -8.03 -0.17 -25.55
N LYS C 11 -8.99 0.65 -25.98
CA LYS C 11 -9.01 1.05 -27.38
C LYS C 11 -7.74 1.81 -27.75
N LYS C 12 -7.28 2.72 -26.89
CA LYS C 12 -6.09 3.49 -27.25
C LYS C 12 -4.85 2.60 -27.24
N LEU C 13 -4.76 1.70 -26.27
CA LEU C 13 -3.67 0.73 -26.21
C LEU C 13 -3.57 -0.07 -27.49
N VAL C 14 -4.67 -0.68 -27.91
CA VAL C 14 -4.64 -1.59 -29.05
C VAL C 14 -4.42 -0.81 -30.33
N GLY C 15 -5.09 0.34 -30.47
CA GLY C 15 -4.94 1.13 -31.68
C GLY C 15 -3.52 1.65 -31.87
N SER C 16 -2.92 2.16 -30.80
CA SER C 16 -1.57 2.73 -30.95
C SER C 16 -0.55 1.64 -31.25
N VAL C 17 -0.68 0.47 -30.60
CA VAL C 17 0.27 -0.61 -30.91
C VAL C 17 0.09 -1.10 -32.35
N LYS C 18 -1.13 -1.08 -32.88
CA LYS C 18 -1.30 -1.50 -34.27
C LYS C 18 -0.72 -0.49 -35.24
N ALA C 19 -0.79 0.80 -34.92
CA ALA C 19 -0.11 1.78 -35.77
C ALA C 19 1.40 1.56 -35.73
N LEU C 20 1.93 1.25 -34.54
CA LEU C 20 3.35 0.93 -34.42
C LEU C 20 3.71 -0.34 -35.18
N GLN C 21 2.86 -1.38 -35.13
CA GLN C 21 3.15 -2.59 -35.91
C GLN C 21 3.24 -2.26 -37.38
N LYS C 22 2.24 -1.54 -37.89
CA LYS C 22 2.18 -1.24 -39.32
C LYS C 22 3.37 -0.40 -39.75
N GLN C 23 3.79 0.55 -38.91
CA GLN C 23 4.86 1.47 -39.29
C GLN C 23 6.24 0.85 -39.12
N TYR C 24 6.46 0.07 -38.07
CA TYR C 24 7.78 -0.50 -37.79
C TYR C 24 7.79 -1.96 -38.20
N VAL C 25 7.98 -2.18 -39.50
CA VAL C 25 7.96 -3.50 -40.10
C VAL C 25 9.11 -4.39 -39.65
N SER C 26 10.06 -3.84 -38.89
CA SER C 26 11.22 -4.61 -38.48
C SER C 26 11.83 -4.02 -37.22
N LEU C 27 12.44 -4.90 -36.41
CA LEU C 27 13.20 -4.47 -35.24
C LEU C 27 14.44 -3.67 -35.61
N ASP C 28 14.73 -3.55 -36.91
CA ASP C 28 15.72 -2.60 -37.43
C ASP C 28 15.49 -1.21 -36.86
N THR C 29 14.31 -0.66 -37.09
CA THR C 29 13.98 0.71 -36.72
C THR C 29 13.55 0.74 -35.26
N VAL C 30 14.07 1.69 -34.54
CA VAL C 30 13.78 1.83 -33.12
C VAL C 30 12.66 2.86 -32.95
N VAL C 31 11.81 2.66 -31.95
CA VAL C 31 10.65 3.52 -31.69
C VAL C 31 11.04 4.50 -30.60
N THR C 32 10.97 5.81 -30.89
CA THR C 32 11.39 6.84 -29.96
C THR C 32 10.19 7.63 -29.45
N SER C 33 10.46 8.55 -28.51
CA SER C 33 9.46 9.43 -27.94
C SER C 33 9.10 10.61 -28.86
N GLU C 34 9.56 10.62 -30.10
CA GLU C 34 9.05 11.54 -31.10
C GLU C 34 7.94 10.90 -31.94
N ASP C 35 7.68 9.61 -31.75
CA ASP C 35 6.61 8.95 -32.48
C ASP C 35 5.29 9.15 -31.73
N GLY C 36 4.33 9.82 -32.38
CA GLY C 36 3.06 10.09 -31.74
C GLY C 36 2.32 8.83 -31.27
N ASP C 37 2.41 7.74 -32.04
CA ASP C 37 1.75 6.51 -31.60
C ASP C 37 2.42 5.95 -30.35
N ALA C 38 3.75 5.99 -30.27
CA ALA C 38 4.41 5.56 -29.05
C ALA C 38 3.96 6.41 -27.87
N ASN C 39 3.81 7.72 -28.09
CA ASN C 39 3.37 8.59 -27.00
C ASN C 39 1.95 8.26 -26.58
N THR C 40 1.05 8.00 -27.53
CA THR C 40 -0.29 7.53 -27.18
C THR C 40 -0.24 6.21 -26.41
N MET C 41 0.59 5.28 -26.86
CA MET C 41 0.75 4.03 -26.14
C MET C 41 1.16 4.28 -24.69
N CYS C 42 2.17 5.13 -24.47
CA CYS C 42 2.61 5.45 -23.12
C CYS C 42 1.48 6.05 -22.27
N SER C 43 0.76 7.02 -22.85
CA SER C 43 -0.34 7.63 -22.11
C SER C 43 -1.37 6.57 -21.72
N ALA C 44 -1.65 5.61 -22.61
CA ALA C 44 -2.64 4.60 -22.28
C ALA C 44 -2.14 3.64 -21.20
N LEU C 45 -0.85 3.28 -21.24
CA LEU C 45 -0.30 2.43 -20.19
C LEU C 45 -0.23 3.19 -18.86
N GLU C 46 0.10 4.49 -18.90
CA GLU C 46 0.00 5.30 -17.69
C GLU C 46 -1.44 5.24 -17.15
N ALA C 47 -2.42 5.34 -18.03
CA ALA C 47 -3.83 5.30 -17.63
C ALA C 47 -4.17 3.99 -16.94
N VAL C 48 -3.57 2.89 -17.39
CA VAL C 48 -3.76 1.57 -16.76
C VAL C 48 -3.40 1.64 -15.28
N PHE C 49 -2.26 2.27 -14.97
CA PHE C 49 -1.80 2.35 -13.59
C PHE C 49 -2.54 3.41 -12.79
N ILE C 50 -3.12 4.42 -13.44
CA ILE C 50 -3.88 5.43 -12.69
C ILE C 50 -5.28 4.91 -12.38
N HIS C 51 -5.84 4.07 -13.24
CA HIS C 51 -7.27 3.76 -13.14
C HIS C 51 -7.60 3.10 -11.81
N GLY C 52 -8.63 3.59 -11.12
CA GLY C 52 -9.07 2.90 -9.91
C GLY C 52 -8.18 3.06 -8.68
N LEU C 53 -7.12 3.87 -8.73
CA LEU C 53 -6.34 4.15 -7.52
C LEU C 53 -7.23 4.65 -6.39
N HIS C 54 -6.86 4.31 -5.15
CA HIS C 54 -7.52 4.95 -4.00
C HIS C 54 -7.29 6.45 -4.04
N ALA C 55 -8.27 7.19 -3.51
CA ALA C 55 -8.20 8.64 -3.51
C ALA C 55 -6.89 9.15 -2.89
N LYS C 56 -6.37 8.46 -1.88
CA LYS C 56 -5.15 8.97 -1.26
C LYS C 56 -3.96 8.94 -2.21
N HIS C 57 -4.01 8.12 -3.27
CA HIS C 57 -2.95 8.08 -4.27
C HIS C 57 -3.20 9.00 -5.46
N ILE C 58 -4.41 9.53 -5.62
CA ILE C 58 -4.76 10.37 -6.77
C ILE C 58 -4.31 11.81 -6.58
N ARG C 59 -4.35 12.30 -5.33
CA ARG C 59 -3.88 13.64 -4.99
CA ARG C 59 -3.85 13.65 -5.03
C ARG C 59 -4.57 14.71 -5.85
N ALA C 60 -5.91 14.71 -5.78
CA ALA C 60 -6.71 15.68 -6.54
C ALA C 60 -6.85 17.03 -5.84
N GLU C 61 -6.89 17.01 -4.52
CA GLU C 61 -7.19 18.20 -3.74
C GLU C 61 -5.94 19.06 -3.57
N ALA C 62 -6.12 20.35 -3.42
CA ALA C 62 -5.01 21.29 -3.28
C ALA C 62 -5.15 22.06 -1.97
N GLY C 63 -4.03 22.24 -1.27
CA GLY C 63 -3.99 23.02 -0.06
C GLY C 63 -2.85 24.03 -0.09
N GLY C 64 -2.38 24.40 1.10
CA GLY C 64 -1.23 25.25 1.24
C GLY C 64 -1.44 26.70 0.90
N LYS C 65 -2.67 27.20 0.98
CA LYS C 65 -2.97 28.59 0.73
C LYS C 65 -3.50 29.22 2.01
N ARG C 66 -2.98 30.39 2.35
CA ARG C 66 -3.34 31.04 3.60
C ARG C 66 -4.82 31.43 3.60
N LYS C 67 -5.46 31.20 4.75
CA LYS C 67 -6.87 31.51 4.99
C LYS C 67 -7.82 30.89 3.95
N LYS C 68 -7.39 29.84 3.25
CA LYS C 68 -8.27 29.13 2.32
C LYS C 68 -8.35 27.66 2.72
N SER C 69 -9.54 27.08 2.53
CA SER C 69 -9.70 25.65 2.75
C SER C 69 -9.30 24.90 1.47
N ALA C 70 -9.24 23.57 1.57
CA ALA C 70 -8.81 22.77 0.43
C ALA C 70 -9.75 22.98 -0.76
N HIS C 71 -9.19 22.86 -1.97
CA HIS C 71 -9.92 22.99 -3.22
C HIS C 71 -9.37 21.95 -4.19
N GLN C 72 -9.85 21.98 -5.43
CA GLN C 72 -9.39 21.03 -6.44
C GLN C 72 -8.28 21.64 -7.27
N LYS C 73 -7.19 20.89 -7.45
CA LYS C 73 -6.17 21.23 -8.43
C LYS C 73 -6.83 21.32 -9.82
N PRO C 74 -6.25 22.11 -10.74
CA PRO C 74 -6.70 22.00 -12.14
C PRO C 74 -6.59 20.58 -12.65
N LEU C 75 -5.53 19.86 -12.23
CA LEU C 75 -5.32 18.46 -12.58
C LEU C 75 -4.82 17.67 -11.36
N PRO C 76 -5.40 16.51 -11.09
CA PRO C 76 -4.84 15.63 -10.05
C PRO C 76 -3.45 15.12 -10.43
N GLN C 77 -2.70 14.65 -9.44
CA GLN C 77 -1.30 14.26 -9.63
C GLN C 77 -1.07 12.86 -9.06
N PRO C 78 -1.61 11.84 -9.71
CA PRO C 78 -1.60 10.50 -9.11
C PRO C 78 -0.17 9.96 -9.02
N VAL C 79 0.12 9.22 -7.95
CA VAL C 79 1.48 8.71 -7.80
C VAL C 79 1.45 7.38 -7.06
N PHE C 80 2.31 6.43 -7.54
CA PHE C 80 2.31 5.05 -7.07
C PHE C 80 3.73 4.45 -7.05
N TRP C 81 4.75 5.25 -6.73
CA TRP C 81 6.15 4.81 -6.87
C TRP C 81 6.48 3.58 -6.02
N PRO C 82 6.15 3.51 -4.73
CA PRO C 82 6.46 2.27 -3.95
C PRO C 82 5.84 0.99 -4.52
N LEU C 83 4.69 1.07 -5.17
CA LEU C 83 4.14 -0.11 -5.86
C LEU C 83 5.10 -0.64 -6.90
N LEU C 84 5.67 0.26 -7.70
CA LEU C 84 6.59 -0.15 -8.75
C LEU C 84 7.92 -0.63 -8.16
N LYS C 85 8.42 0.04 -7.11
CA LYS C 85 9.67 -0.39 -6.50
C LYS C 85 9.58 -1.83 -6.00
N ALA C 86 8.42 -2.23 -5.49
CA ALA C 86 8.30 -3.56 -4.92
C ALA C 86 8.62 -4.65 -5.93
N VAL C 87 8.38 -4.40 -7.22
CA VAL C 87 8.52 -5.45 -8.23
C VAL C 87 9.73 -5.18 -9.13
N THR C 88 10.64 -4.32 -8.70
CA THR C 88 11.74 -3.87 -9.54
C THR C 88 13.06 -4.19 -8.87
N HIS C 89 14.02 -4.66 -9.66
CA HIS C 89 15.33 -5.02 -9.12
C HIS C 89 16.07 -3.76 -8.71
N LYS C 90 16.88 -3.89 -7.66
CA LYS C 90 17.53 -2.73 -7.06
C LYS C 90 18.43 -1.98 -8.04
N HIS C 91 19.04 -2.65 -9.03
CA HIS C 91 19.92 -1.94 -9.96
CA HIS C 91 19.92 -1.91 -9.93
C HIS C 91 19.11 -1.02 -10.87
N ILE C 92 17.86 -1.37 -11.13
CA ILE C 92 16.99 -0.49 -11.92
C ILE C 92 16.49 0.67 -11.06
N ILE C 93 16.02 0.38 -9.82
CA ILE C 93 15.63 1.42 -8.86
C ILE C 93 16.74 2.42 -8.66
N SER C 94 17.97 1.93 -8.51
CA SER C 94 19.08 2.83 -8.28
C SER C 94 19.27 3.75 -9.49
N GLU C 95 19.18 3.21 -10.71
CA GLU C 95 19.32 4.09 -11.88
C GLU C 95 18.20 5.13 -11.91
N LEU C 96 16.97 4.71 -11.64
CA LEU C 96 15.87 5.67 -11.70
C LEU C 96 16.02 6.74 -10.61
N GLU C 97 16.46 6.36 -9.42
CA GLU C 97 16.58 7.30 -8.32
C GLU C 97 17.77 8.25 -8.48
N HIS C 98 18.68 7.97 -9.41
CA HIS C 98 19.84 8.83 -9.61
C HIS C 98 19.75 9.61 -10.93
N LEU C 99 18.59 9.66 -11.56
CA LEU C 99 18.44 10.45 -12.77
C LEU C 99 18.65 11.93 -12.45
N THR C 100 19.33 12.64 -13.35
CA THR C 100 19.68 14.03 -13.06
C THR C 100 18.46 14.93 -13.06
N PHE C 101 17.56 14.79 -14.04
CA PHE C 101 16.47 15.76 -14.22
C PHE C 101 15.12 15.25 -13.74
N VAL C 102 14.98 13.96 -13.50
CA VAL C 102 13.77 13.38 -12.93
C VAL C 102 13.93 13.38 -11.42
N ASN C 103 13.05 14.08 -10.71
CA ASN C 103 13.27 14.27 -9.29
C ASN C 103 11.99 14.21 -8.45
N THR C 104 10.84 13.88 -9.04
CA THR C 104 9.63 13.64 -8.28
C THR C 104 9.27 12.17 -8.39
N ASP C 105 8.42 11.69 -7.47
CA ASP C 105 7.93 10.32 -7.59
C ASP C 105 7.04 10.14 -8.82
N VAL C 106 6.27 11.17 -9.20
CA VAL C 106 5.51 11.10 -10.46
C VAL C 106 6.46 10.85 -11.63
N GLY C 107 7.56 11.62 -11.67
CA GLY C 107 8.57 11.41 -12.68
C GLY C 107 9.17 10.02 -12.62
N ARG C 108 9.43 9.51 -11.41
CA ARG C 108 10.04 8.19 -11.31
C ARG C 108 9.10 7.11 -11.84
N CYS C 109 7.79 7.23 -11.59
CA CYS C 109 6.81 6.29 -12.15
C CYS C 109 6.82 6.32 -13.67
N ARG C 110 6.82 7.51 -14.27
CA ARG C 110 6.73 7.61 -15.71
C ARG C 110 8.03 7.20 -16.38
N ALA C 111 9.18 7.53 -15.76
CA ALA C 111 10.48 7.03 -16.22
C ALA C 111 10.54 5.50 -16.14
N TRP C 112 10.11 4.94 -15.00
CA TRP C 112 10.06 3.48 -14.86
C TRP C 112 9.33 2.83 -16.02
N LEU C 113 8.17 3.37 -16.38
CA LEU C 113 7.38 2.77 -17.44
C LEU C 113 8.12 2.78 -18.77
N ARG C 114 8.75 3.90 -19.10
CA ARG C 114 9.45 4.00 -20.38
C ARG C 114 10.68 3.09 -20.40
N LEU C 115 11.42 3.04 -19.30
CA LEU C 115 12.56 2.13 -19.23
C LEU C 115 12.11 0.67 -19.38
N ALA C 116 10.98 0.30 -18.77
CA ALA C 116 10.47 -1.07 -18.88
C ALA C 116 10.13 -1.43 -20.32
N LEU C 117 9.52 -0.49 -21.06
CA LEU C 117 9.23 -0.70 -22.48
C LEU C 117 10.52 -0.87 -23.27
N ASN C 118 11.52 -0.01 -23.02
CA ASN C 118 12.81 -0.15 -23.69
C ASN C 118 13.44 -1.50 -23.40
N ASP C 119 13.32 -1.99 -22.16
CA ASP C 119 13.88 -3.28 -21.77
C ASP C 119 13.08 -4.48 -22.27
N GLY C 120 11.88 -4.25 -22.83
CA GLY C 120 11.02 -5.35 -23.24
C GLY C 120 10.42 -6.13 -22.10
N LEU C 121 10.17 -5.48 -20.96
CA LEU C 121 9.85 -6.18 -19.72
C LEU C 121 8.45 -5.88 -19.18
N MET C 122 7.58 -5.20 -19.94
CA MET C 122 6.30 -4.79 -19.33
C MET C 122 5.44 -6.00 -18.98
N GLU C 123 5.51 -7.06 -19.81
CA GLU C 123 4.80 -8.29 -19.50
C GLU C 123 5.28 -8.87 -18.17
N CYS C 124 6.59 -8.89 -17.93
CA CYS C 124 7.12 -9.44 -16.69
C CYS C 124 6.64 -8.65 -15.48
N TYR C 125 6.77 -7.32 -15.55
CA TYR C 125 6.35 -6.48 -14.44
C TYR C 125 4.86 -6.62 -14.17
N LEU C 126 4.06 -6.64 -15.23
CA LEU C 126 2.61 -6.80 -15.03
C LEU C 126 2.32 -8.12 -14.35
N LYS C 127 2.99 -9.19 -14.79
CA LYS C 127 2.74 -10.49 -14.16
C LYS C 127 3.01 -10.42 -12.67
N LEU C 128 4.11 -9.77 -12.28
CA LEU C 128 4.46 -9.66 -10.87
C LEU C 128 3.45 -8.81 -10.11
N LEU C 129 3.00 -7.71 -10.74
CA LEU C 129 2.03 -6.82 -10.07
C LEU C 129 0.72 -7.55 -9.83
N LEU C 130 0.31 -8.40 -10.79
CA LEU C 130 -0.91 -9.19 -10.61
C LEU C 130 -0.73 -10.33 -9.62
N GLN C 131 0.50 -10.72 -9.32
CA GLN C 131 0.68 -11.79 -8.34
C GLN C 131 0.71 -11.26 -6.90
N GLU C 132 1.26 -10.06 -6.69
CA GLU C 132 1.37 -9.42 -5.37
C GLU C 132 0.06 -8.72 -5.02
N GLN C 133 -0.96 -9.54 -4.77
CA GLN C 133 -2.33 -9.01 -4.63
C GLN C 133 -2.48 -8.13 -3.40
N ALA C 134 -1.82 -8.50 -2.29
CA ALA C 134 -1.84 -7.66 -1.10
C ALA C 134 -1.32 -6.25 -1.38
N ARG C 135 -0.25 -6.16 -2.16
CA ARG C 135 0.23 -4.84 -2.55
C ARG C 135 -0.77 -4.13 -3.46
N LEU C 136 -1.42 -4.87 -4.38
CA LEU C 136 -2.39 -4.24 -5.28
C LEU C 136 -3.49 -3.56 -4.46
N HIS C 137 -3.96 -4.22 -3.40
CA HIS C 137 -5.01 -3.67 -2.55
C HIS C 137 -4.55 -2.40 -1.83
N GLU C 138 -3.25 -2.27 -1.58
CA GLU C 138 -2.76 -1.06 -0.96
C GLU C 138 -2.91 0.14 -1.87
N TYR C 139 -3.06 -0.08 -3.19
CA TYR C 139 -3.11 0.99 -4.18
C TYR C 139 -4.42 1.11 -4.95
N TYR C 140 -5.16 0.00 -5.18
CA TYR C 140 -6.28 -0.03 -6.11
C TYR C 140 -7.59 -0.40 -5.43
N GLN C 141 -8.65 0.33 -5.81
CA GLN C 141 -10.00 -0.03 -5.47
C GLN C 141 -10.39 -1.36 -6.09
N PRO C 142 -11.41 -2.03 -5.53
CA PRO C 142 -11.92 -3.28 -6.14
C PRO C 142 -12.29 -3.17 -7.62
N THR C 143 -12.74 -2.00 -8.07
CA THR C 143 -13.16 -1.78 -9.44
C THR C 143 -12.03 -1.36 -10.38
N ALA C 144 -10.80 -1.31 -9.90
CA ALA C 144 -9.67 -0.92 -10.74
C ALA C 144 -9.42 -1.96 -11.83
N LEU C 145 -9.04 -1.46 -13.01
CA LEU C 145 -8.57 -2.32 -14.10
C LEU C 145 -7.61 -3.40 -13.59
N LEU C 146 -6.54 -3.00 -12.89
CA LEU C 146 -5.54 -3.98 -12.49
C LEU C 146 -6.04 -4.95 -11.43
N ARG C 147 -7.19 -4.69 -10.82
CA ARG C 147 -7.73 -5.66 -9.88
C ARG C 147 -8.83 -6.53 -10.50
N ASP C 148 -9.05 -6.41 -11.82
CA ASP C 148 -9.93 -7.31 -12.55
C ASP C 148 -9.05 -8.38 -13.20
N ALA C 149 -9.22 -9.62 -12.76
CA ALA C 149 -8.31 -10.68 -13.18
C ALA C 149 -8.34 -10.87 -14.69
N GLU C 150 -9.52 -10.79 -15.31
CA GLU C 150 -9.61 -10.98 -16.76
C GLU C 150 -9.06 -9.78 -17.52
N GLU C 151 -9.21 -8.57 -17.01
CA GLU C 151 -8.53 -7.45 -17.67
C GLU C 151 -7.02 -7.63 -17.58
N GLY C 152 -6.54 -8.14 -16.44
CA GLY C 152 -5.12 -8.38 -16.30
C GLY C 152 -4.61 -9.41 -17.29
N GLU C 153 -5.40 -10.48 -17.51
CA GLU C 153 -5.06 -11.45 -18.55
C GLU C 153 -5.00 -10.81 -19.93
N PHE C 154 -5.95 -9.92 -20.23
CA PHE C 154 -5.94 -9.24 -21.52
C PHE C 154 -4.66 -8.43 -21.68
N LEU C 155 -4.31 -7.63 -20.67
CA LEU C 155 -3.11 -6.82 -20.75
C LEU C 155 -1.87 -7.67 -20.97
N LEU C 156 -1.79 -8.83 -20.31
CA LEU C 156 -0.63 -9.73 -20.47
C LEU C 156 -0.50 -10.20 -21.91
N SER C 157 -1.57 -10.77 -22.46
CA SER C 157 -1.56 -11.24 -23.84
C SER C 157 -1.16 -10.13 -24.80
N PHE C 158 -1.71 -8.94 -24.60
CA PHE C 158 -1.45 -7.85 -25.52
C PHE C 158 -0.04 -7.28 -25.36
N LEU C 159 0.46 -7.23 -24.13
CA LEU C 159 1.83 -6.78 -23.95
C LEU C 159 2.83 -7.75 -24.58
N GLN C 160 2.47 -9.05 -24.68
CA GLN C 160 3.34 -10.00 -25.37
C GLN C 160 3.63 -9.56 -26.81
N GLY C 161 2.65 -8.91 -27.45
CA GLY C 161 2.84 -8.45 -28.82
C GLY C 161 3.90 -7.37 -28.97
N LEU C 162 4.31 -6.75 -27.86
CA LEU C 162 5.34 -5.71 -27.95
C LEU C 162 6.70 -6.26 -28.40
N THR C 163 6.90 -7.59 -28.33
CA THR C 163 8.20 -8.16 -28.69
C THR C 163 8.54 -7.94 -30.16
N SER C 164 7.58 -7.57 -31.00
CA SER C 164 7.88 -7.25 -32.40
C SER C 164 8.33 -5.81 -32.59
N LEU C 165 8.60 -5.07 -31.50
CA LEU C 165 8.98 -3.67 -31.57
C LEU C 165 10.20 -3.45 -30.69
N SER C 166 11.16 -2.65 -31.16
CA SER C 166 12.29 -2.21 -30.36
C SER C 166 12.04 -0.77 -29.92
N PHE C 167 11.88 -0.57 -28.61
CA PHE C 167 11.64 0.75 -28.06
C PHE C 167 12.94 1.37 -27.60
N GLU C 168 13.08 2.67 -27.87
CA GLU C 168 14.15 3.53 -27.35
C GLU C 168 13.54 4.85 -26.89
N LEU C 169 12.55 4.76 -26.00
CA LEU C 169 11.88 5.94 -25.48
C LEU C 169 12.82 6.71 -24.55
N SER C 170 12.61 8.03 -24.49
CA SER C 170 13.32 8.87 -23.53
C SER C 170 12.68 8.70 -22.16
N TYR C 171 13.47 8.34 -21.15
CA TYR C 171 12.92 8.10 -19.82
C TYR C 171 13.57 8.99 -18.77
N LYS C 172 14.27 10.04 -19.18
CA LYS C 172 15.01 10.88 -18.25
C LYS C 172 14.65 12.36 -18.35
N SER C 173 13.59 12.72 -19.07
CA SER C 173 13.26 14.13 -19.28
C SER C 173 12.68 14.77 -18.03
N ALA C 174 13.09 16.01 -17.77
CA ALA C 174 12.48 16.80 -16.71
C ALA C 174 10.97 16.89 -16.88
N ILE C 175 10.49 16.81 -18.12
CA ILE C 175 9.06 16.92 -18.39
C ILE C 175 8.27 15.80 -17.71
N LEU C 176 8.91 14.65 -17.41
CA LEU C 176 8.17 13.57 -16.78
C LEU C 176 7.76 13.89 -15.34
N ASN C 177 8.34 14.94 -14.74
CA ASN C 177 8.06 15.23 -13.33
C ASN C 177 6.60 15.58 -13.05
N GLU C 178 5.81 15.91 -14.08
CA GLU C 178 4.40 16.24 -13.91
C GLU C 178 3.56 15.55 -14.98
N TRP C 179 2.31 15.25 -14.63
CA TRP C 179 1.37 14.61 -15.54
C TRP C 179 0.89 15.58 -16.61
N THR C 180 0.50 15.05 -17.76
CA THR C 180 -0.23 15.81 -18.77
C THR C 180 -1.66 15.29 -18.86
N LEU C 181 -2.48 15.95 -19.70
CA LEU C 181 -3.92 15.71 -19.64
C LEU C 181 -4.30 14.29 -20.13
N THR C 182 -3.65 13.80 -21.18
CA THR C 182 -4.14 12.61 -21.87
C THR C 182 -4.26 11.38 -20.97
N PRO C 183 -3.23 10.97 -20.21
CA PRO C 183 -3.42 9.79 -19.33
C PRO C 183 -4.48 10.03 -18.24
N LEU C 184 -4.61 11.27 -17.77
CA LEU C 184 -5.62 11.60 -16.78
C LEU C 184 -7.02 11.45 -17.36
N ALA C 185 -7.24 12.02 -18.55
CA ALA C 185 -8.54 11.91 -19.20
C ALA C 185 -8.84 10.46 -19.61
N LEU C 186 -7.84 9.73 -20.13
CA LEU C 186 -8.07 8.33 -20.50
C LEU C 186 -8.43 7.48 -19.30
N SER C 187 -7.82 7.76 -18.14
CA SER C 187 -8.10 6.99 -16.93
C SER C 187 -9.44 7.32 -16.28
N GLY C 188 -10.14 8.34 -16.75
CA GLY C 188 -11.43 8.74 -16.21
C GLY C 188 -11.38 9.74 -15.08
N LEU C 189 -10.22 10.33 -14.80
CA LEU C 189 -10.12 11.37 -13.78
C LEU C 189 -10.53 12.74 -14.30
N CYS C 190 -10.33 12.98 -15.58
CA CYS C 190 -10.73 14.24 -16.20
C CYS C 190 -11.61 13.93 -17.40
N PRO C 191 -12.49 14.85 -17.77
CA PRO C 191 -13.35 14.63 -18.93
C PRO C 191 -12.54 14.36 -20.20
N LEU C 192 -12.98 13.35 -20.95
CA LEU C 192 -12.47 13.15 -22.30
C LEU C 192 -12.86 14.29 -23.23
N SER C 193 -13.89 15.06 -22.90
CA SER C 193 -14.23 16.21 -23.72
C SER C 193 -13.08 17.21 -23.83
N GLU C 194 -12.14 17.19 -22.88
CA GLU C 194 -11.07 18.18 -22.86
C GLU C 194 -9.87 17.81 -23.72
N LEU C 195 -9.87 16.64 -24.35
CA LEU C 195 -8.90 16.32 -25.38
C LEU C 195 -9.39 16.86 -26.73
N ASP C 196 -8.55 16.69 -27.77
CA ASP C 196 -8.92 17.10 -29.13
C ASP C 196 -8.51 16.03 -30.15
N ASP D 1 -22.60 -22.97 10.72
CA ASP D 1 -23.60 -22.45 11.64
C ASP D 1 -23.12 -21.19 12.38
N PRO D 2 -22.02 -21.26 13.14
CA PRO D 2 -21.58 -20.07 13.87
C PRO D 2 -21.08 -18.98 12.96
N GLN D 3 -20.87 -19.32 11.68
CA GLN D 3 -20.37 -18.42 10.66
C GLN D 3 -21.26 -18.41 9.41
N ALA D 4 -22.41 -19.11 9.44
CA ALA D 4 -23.36 -19.07 8.32
C ALA D 4 -23.72 -17.64 7.89
N ALA D 5 -23.76 -16.70 8.83
CA ALA D 5 -24.16 -15.34 8.49
C ALA D 5 -23.07 -14.57 7.74
N ILE D 6 -21.82 -15.02 7.83
CA ILE D 6 -20.73 -14.23 7.26
C ILE D 6 -20.87 -14.04 5.74
N PRO D 7 -21.09 -15.08 4.93
CA PRO D 7 -21.34 -14.84 3.49
C PRO D 7 -22.52 -13.91 3.22
N VAL D 8 -23.60 -14.04 3.97
CA VAL D 8 -24.74 -13.15 3.80
C VAL D 8 -24.32 -11.70 4.03
N ILE D 9 -23.54 -11.44 5.10
CA ILE D 9 -23.10 -10.09 5.41
C ILE D 9 -22.22 -9.53 4.28
N LYS D 10 -21.24 -10.32 3.84
CA LYS D 10 -20.33 -9.90 2.80
C LYS D 10 -21.05 -9.56 1.49
N LYS D 11 -22.00 -10.41 1.07
CA LYS D 11 -22.75 -10.10 -0.14
C LYS D 11 -23.51 -8.81 -0.03
N LYS D 12 -24.15 -8.54 1.11
CA LYS D 12 -24.91 -7.32 1.23
C LYS D 12 -23.99 -6.10 1.25
N LEU D 13 -22.85 -6.20 1.94
CA LEU D 13 -21.86 -5.14 1.93
C LEU D 13 -21.47 -4.79 0.50
N VAL D 14 -20.98 -5.79 -0.23
CA VAL D 14 -20.46 -5.56 -1.58
C VAL D 14 -21.58 -5.10 -2.50
N GLY D 15 -22.72 -5.79 -2.45
CA GLY D 15 -23.83 -5.45 -3.31
C GLY D 15 -24.32 -4.03 -3.09
N SER D 16 -24.42 -3.59 -1.82
CA SER D 16 -24.97 -2.27 -1.56
C SER D 16 -24.01 -1.17 -2.03
N VAL D 17 -22.70 -1.38 -1.87
CA VAL D 17 -21.75 -0.36 -2.30
C VAL D 17 -21.69 -0.30 -3.82
N LYS D 18 -21.73 -1.46 -4.48
CA LYS D 18 -21.77 -1.45 -5.94
C LYS D 18 -23.00 -0.71 -6.43
N ALA D 19 -24.16 -0.96 -5.80
CA ALA D 19 -25.37 -0.21 -6.14
C ALA D 19 -25.14 1.29 -6.00
N LEU D 20 -24.50 1.70 -4.89
CA LEU D 20 -24.28 3.13 -4.66
C LEU D 20 -23.36 3.71 -5.73
N GLN D 21 -22.30 2.97 -6.09
CA GLN D 21 -21.38 3.46 -7.10
C GLN D 21 -22.06 3.66 -8.44
N LYS D 22 -23.01 2.78 -8.77
CA LYS D 22 -23.66 2.91 -10.06
C LYS D 22 -24.67 4.06 -10.05
N GLN D 23 -25.34 4.28 -8.92
CA GLN D 23 -26.32 5.36 -8.85
C GLN D 23 -25.65 6.71 -8.78
N TYR D 24 -24.54 6.80 -8.07
CA TYR D 24 -23.86 8.09 -7.87
C TYR D 24 -22.71 8.26 -8.85
N VAL D 25 -23.02 8.07 -10.14
CA VAL D 25 -22.07 8.27 -11.22
C VAL D 25 -22.18 9.66 -11.83
N SER D 26 -23.08 10.51 -11.33
CA SER D 26 -22.89 11.95 -11.44
C SER D 26 -21.66 12.38 -10.64
N LEU D 27 -21.38 11.68 -9.54
CA LEU D 27 -20.15 11.67 -8.75
C LEU D 27 -19.83 13.00 -8.10
N ASP D 28 -20.63 14.04 -8.34
CA ASP D 28 -20.57 15.30 -7.59
C ASP D 28 -21.72 15.42 -6.59
N THR D 29 -22.18 14.29 -6.07
CA THR D 29 -23.41 14.28 -5.29
C THR D 29 -23.26 13.36 -4.09
N VAL D 30 -23.81 13.76 -2.96
CA VAL D 30 -23.60 13.07 -1.70
C VAL D 30 -24.69 12.02 -1.49
N VAL D 31 -24.30 10.94 -0.83
CA VAL D 31 -25.20 9.84 -0.45
C VAL D 31 -25.82 10.19 0.90
N THR D 32 -27.15 10.24 0.98
CA THR D 32 -27.81 10.60 2.22
C THR D 32 -28.59 9.41 2.77
N SER D 33 -29.18 9.60 3.94
CA SER D 33 -29.98 8.51 4.51
C SER D 33 -31.37 8.39 3.89
N GLU D 34 -31.69 9.21 2.89
CA GLU D 34 -32.89 8.96 2.10
C GLU D 34 -32.67 7.90 1.02
N ASP D 35 -31.46 7.39 0.87
CA ASP D 35 -31.15 6.40 -0.17
C ASP D 35 -31.24 5.02 0.46
N GLY D 36 -32.15 4.19 -0.06
CA GLY D 36 -32.34 2.85 0.48
C GLY D 36 -31.09 1.98 0.44
N ASP D 37 -30.26 2.11 -0.61
CA ASP D 37 -29.04 1.28 -0.66
C ASP D 37 -28.02 1.72 0.38
N ALA D 38 -27.97 3.02 0.66
CA ALA D 38 -27.12 3.50 1.76
C ALA D 38 -27.56 2.89 3.08
N ASN D 39 -28.87 2.80 3.31
CA ASN D 39 -29.36 2.20 4.55
C ASN D 39 -29.12 0.70 4.57
N THR D 40 -29.23 0.05 3.41
CA THR D 40 -28.88 -1.37 3.38
C THR D 40 -27.39 -1.54 3.71
N MET D 41 -26.56 -0.67 3.15
CA MET D 41 -25.13 -0.69 3.49
C MET D 41 -24.91 -0.53 4.98
N CYS D 42 -25.59 0.45 5.58
CA CYS D 42 -25.46 0.66 7.02
C CYS D 42 -25.88 -0.59 7.79
N SER D 43 -26.99 -1.23 7.36
CA SER D 43 -27.45 -2.43 8.04
C SER D 43 -26.39 -3.52 7.98
N ALA D 44 -25.74 -3.65 6.81
CA ALA D 44 -24.72 -4.68 6.67
C ALA D 44 -23.51 -4.35 7.53
N LEU D 45 -23.13 -3.06 7.60
CA LEU D 45 -22.02 -2.68 8.46
C LEU D 45 -22.38 -2.86 9.93
N GLU D 46 -23.64 -2.58 10.32
CA GLU D 46 -24.05 -2.88 11.69
C GLU D 46 -23.95 -4.39 11.95
N ALA D 47 -24.37 -5.21 10.99
CA ALA D 47 -24.30 -6.66 11.15
C ALA D 47 -22.87 -7.14 11.40
N VAL D 48 -21.88 -6.45 10.81
CA VAL D 48 -20.47 -6.80 11.06
C VAL D 48 -20.17 -6.72 12.55
N PHE D 49 -20.59 -5.62 13.19
CA PHE D 49 -20.35 -5.38 14.60
C PHE D 49 -21.21 -6.25 15.50
N ILE D 50 -22.37 -6.70 15.01
CA ILE D 50 -23.24 -7.55 15.84
C ILE D 50 -22.78 -9.00 15.81
N HIS D 51 -22.22 -9.44 14.68
CA HIS D 51 -22.03 -10.87 14.49
C HIS D 51 -21.09 -11.45 15.55
N GLY D 52 -21.54 -12.53 16.21
CA GLY D 52 -20.68 -13.20 17.16
C GLY D 52 -20.42 -12.45 18.46
N LEU D 53 -21.17 -11.39 18.77
CA LEU D 53 -21.04 -10.80 20.10
C LEU D 53 -21.30 -11.84 21.19
N HIS D 54 -20.58 -11.74 22.31
CA HIS D 54 -21.00 -12.47 23.51
C HIS D 54 -22.44 -12.11 23.88
N ALA D 55 -23.18 -13.09 24.40
CA ALA D 55 -24.57 -12.87 24.79
C ALA D 55 -24.73 -11.71 25.77
N LYS D 56 -23.73 -11.45 26.63
CA LYS D 56 -23.87 -10.38 27.61
C LYS D 56 -23.98 -9.00 26.95
N HIS D 57 -23.58 -8.87 25.71
CA HIS D 57 -23.67 -7.60 25.00
C HIS D 57 -24.97 -7.45 24.22
N ILE D 58 -25.93 -8.34 24.42
CA ILE D 58 -27.22 -8.27 23.76
C ILE D 58 -28.21 -7.93 24.85
N ARG D 59 -28.74 -6.70 24.81
CA ARG D 59 -29.70 -6.26 25.81
C ARG D 59 -31.11 -6.72 25.45
N ALA D 60 -31.93 -6.87 26.48
CA ALA D 60 -33.36 -7.04 26.24
C ALA D 60 -34.04 -5.72 25.87
N GLU D 61 -33.44 -4.59 26.25
CA GLU D 61 -34.00 -3.25 26.07
C GLU D 61 -32.88 -2.31 25.62
N ALA D 62 -33.24 -1.21 24.94
CA ALA D 62 -32.23 -0.23 24.53
C ALA D 62 -32.03 0.91 25.53
N GLY D 63 -33.02 1.21 26.36
CA GLY D 63 -32.92 2.33 27.27
C GLY D 63 -34.00 3.37 27.01
N GLY D 64 -34.18 4.29 27.96
CA GLY D 64 -35.22 5.29 27.85
C GLY D 64 -36.58 4.76 28.27
N LYS D 65 -37.46 5.71 28.64
CA LYS D 65 -38.85 5.41 28.98
C LYS D 65 -39.74 5.33 27.75
N ARG D 66 -39.17 4.98 26.59
CA ARG D 66 -39.92 4.80 25.37
C ARG D 66 -40.96 3.70 25.55
N LYS D 67 -42.20 4.02 25.31
CA LYS D 67 -43.27 3.12 25.67
C LYS D 67 -43.21 1.80 24.92
N LYS D 68 -43.26 0.72 25.68
CA LYS D 68 -43.23 -0.63 25.14
C LYS D 68 -44.63 -1.21 24.99
N SER D 69 -45.66 -0.36 25.00
CA SER D 69 -47.01 -0.84 24.76
C SER D 69 -47.22 -1.20 23.30
N ALA D 70 -46.75 -0.34 22.41
CA ALA D 70 -46.50 -0.70 21.02
C ALA D 70 -45.15 -1.37 20.99
N HIS D 71 -44.56 -1.48 19.80
CA HIS D 71 -43.33 -2.24 19.64
C HIS D 71 -43.56 -3.67 20.10
N GLN D 72 -44.73 -4.20 19.73
CA GLN D 72 -45.15 -5.60 19.87
C GLN D 72 -44.22 -6.46 19.04
N LYS D 73 -43.36 -5.78 18.32
CA LYS D 73 -42.14 -6.30 17.76
C LYS D 73 -41.03 -6.15 18.80
N PRO D 74 -40.81 -7.16 19.65
CA PRO D 74 -39.64 -7.12 20.54
C PRO D 74 -38.44 -7.65 19.79
N LEU D 75 -37.36 -6.88 19.81
CA LEU D 75 -36.11 -7.28 19.18
C LEU D 75 -34.99 -7.21 20.21
N PRO D 76 -34.01 -8.11 20.10
CA PRO D 76 -32.81 -7.98 20.93
C PRO D 76 -32.04 -6.70 20.59
N GLN D 77 -31.25 -6.22 21.54
CA GLN D 77 -30.61 -4.90 21.40
C GLN D 77 -29.11 -5.02 21.66
N PRO D 78 -28.33 -5.39 20.64
CA PRO D 78 -26.87 -5.43 20.82
C PRO D 78 -26.29 -4.04 21.07
N VAL D 79 -25.29 -3.98 21.95
CA VAL D 79 -24.63 -2.73 22.32
C VAL D 79 -23.14 -2.98 22.47
N PHE D 80 -22.33 -2.08 21.90
CA PHE D 80 -20.87 -2.21 21.93
C PHE D 80 -20.21 -0.83 22.07
N TRP D 81 -20.87 0.08 22.80
CA TRP D 81 -20.43 1.48 22.81
C TRP D 81 -19.02 1.67 23.34
N PRO D 82 -18.61 1.06 24.46
CA PRO D 82 -17.24 1.28 24.96
C PRO D 82 -16.17 0.74 24.04
N LEU D 83 -16.47 -0.25 23.21
CA LEU D 83 -15.51 -0.71 22.22
C LEU D 83 -15.21 0.39 21.19
N LEU D 84 -16.24 1.05 20.70
CA LEU D 84 -16.08 2.16 19.77
C LEU D 84 -15.38 3.36 20.43
N LYS D 85 -15.75 3.69 21.68
CA LYS D 85 -15.12 4.83 22.36
C LYS D 85 -13.61 4.66 22.45
N ALA D 86 -13.16 3.42 22.66
CA ALA D 86 -11.73 3.19 22.84
C ALA D 86 -10.90 3.63 21.64
N VAL D 87 -11.48 3.68 20.44
CA VAL D 87 -10.70 3.99 19.24
C VAL D 87 -11.07 5.36 18.66
N THR D 88 -11.77 6.19 19.44
CA THR D 88 -12.35 7.42 18.91
C THR D 88 -11.79 8.60 19.68
N HIS D 89 -11.54 9.70 18.97
CA HIS D 89 -11.02 10.92 19.62
C HIS D 89 -12.09 11.50 20.54
N LYS D 90 -11.64 12.11 21.65
CA LYS D 90 -12.58 12.64 22.64
C LYS D 90 -13.54 13.66 22.04
N HIS D 91 -13.17 14.37 20.98
CA HIS D 91 -14.12 15.36 20.49
CA HIS D 91 -14.08 15.37 20.42
C HIS D 91 -15.27 14.72 19.71
N ILE D 92 -15.04 13.58 19.06
CA ILE D 92 -16.16 12.85 18.46
C ILE D 92 -17.00 12.23 19.55
N ILE D 93 -16.37 11.60 20.56
CA ILE D 93 -17.13 10.99 21.64
C ILE D 93 -18.03 12.04 22.28
N SER D 94 -17.47 13.22 22.57
CA SER D 94 -18.22 14.30 23.20
C SER D 94 -19.41 14.74 22.36
N GLU D 95 -19.22 14.90 21.05
CA GLU D 95 -20.35 15.27 20.19
C GLU D 95 -21.43 14.19 20.21
N LEU D 96 -21.02 12.93 20.08
CA LEU D 96 -21.99 11.84 20.10
C LEU D 96 -22.73 11.76 21.43
N GLU D 97 -22.03 11.99 22.55
CA GLU D 97 -22.66 11.88 23.86
C GLU D 97 -23.59 13.04 24.17
N HIS D 98 -23.58 14.10 23.36
CA HIS D 98 -24.42 15.26 23.63
C HIS D 98 -25.50 15.49 22.58
N LEU D 99 -25.66 14.55 21.64
CA LEU D 99 -26.76 14.59 20.68
C LEU D 99 -28.09 14.82 21.38
N THR D 100 -28.92 15.71 20.82
CA THR D 100 -30.18 16.07 21.45
C THR D 100 -31.15 14.89 21.46
N PHE D 101 -31.25 14.19 20.35
CA PHE D 101 -32.28 13.17 20.17
C PHE D 101 -31.76 11.74 20.30
N VAL D 102 -30.45 11.53 20.27
CA VAL D 102 -29.85 10.19 20.43
C VAL D 102 -29.45 10.05 21.89
N ASN D 103 -30.11 9.14 22.61
CA ASN D 103 -29.89 9.07 24.04
C ASN D 103 -29.72 7.66 24.59
N THR D 104 -29.48 6.65 23.74
CA THR D 104 -29.20 5.29 24.20
C THR D 104 -27.84 4.86 23.68
N ASP D 105 -27.23 3.86 24.34
CA ASP D 105 -25.95 3.36 23.83
C ASP D 105 -26.14 2.71 22.47
N VAL D 106 -27.29 2.07 22.24
CA VAL D 106 -27.61 1.60 20.88
C VAL D 106 -27.55 2.74 19.89
N GLY D 107 -28.24 3.84 20.20
CA GLY D 107 -28.21 5.02 19.32
C GLY D 107 -26.80 5.56 19.12
N ARG D 108 -26.02 5.61 20.19
CA ARG D 108 -24.66 6.15 20.08
C ARG D 108 -23.78 5.29 19.18
N CYS D 109 -23.94 3.96 19.23
CA CYS D 109 -23.20 3.07 18.33
C CYS D 109 -23.59 3.31 16.89
N ARG D 110 -24.89 3.39 16.63
CA ARG D 110 -25.35 3.58 15.26
C ARG D 110 -25.02 4.97 14.75
N ALA D 111 -25.10 5.99 15.64
CA ALA D 111 -24.66 7.33 15.23
C ALA D 111 -23.16 7.34 14.92
N TRP D 112 -22.36 6.64 15.73
CA TRP D 112 -20.91 6.57 15.51
C TRP D 112 -20.60 6.03 14.12
N LEU D 113 -21.34 4.99 13.73
CA LEU D 113 -21.09 4.36 12.44
C LEU D 113 -21.39 5.33 11.30
N ARG D 114 -22.54 6.01 11.35
CA ARG D 114 -22.87 6.89 10.26
C ARG D 114 -21.95 8.11 10.22
N LEU D 115 -21.52 8.60 11.40
CA LEU D 115 -20.55 9.69 11.45
C LEU D 115 -19.22 9.25 10.85
N ALA D 116 -18.80 8.03 11.16
CA ALA D 116 -17.54 7.52 10.63
C ALA D 116 -17.58 7.45 9.10
N LEU D 117 -18.73 7.07 8.54
CA LEU D 117 -18.88 7.00 7.10
C LEU D 117 -18.83 8.38 6.47
N ASN D 118 -19.53 9.35 7.08
CA ASN D 118 -19.45 10.75 6.61
C ASN D 118 -18.01 11.23 6.61
N ASP D 119 -17.27 10.94 7.67
CA ASP D 119 -15.87 11.38 7.80
C ASP D 119 -14.92 10.58 6.91
N GLY D 120 -15.36 9.46 6.32
CA GLY D 120 -14.46 8.64 5.53
C GLY D 120 -13.48 7.84 6.37
N LEU D 121 -13.86 7.47 7.59
CA LEU D 121 -12.91 6.93 8.57
C LEU D 121 -13.12 5.44 8.87
N MET D 122 -14.03 4.75 8.18
CA MET D 122 -14.37 3.38 8.59
C MET D 122 -13.15 2.46 8.54
N GLU D 123 -12.38 2.50 7.44
CA GLU D 123 -11.13 1.70 7.42
C GLU D 123 -10.20 2.10 8.57
N CYS D 124 -10.03 3.41 8.84
CA CYS D 124 -9.20 3.85 9.97
C CYS D 124 -9.62 3.19 11.27
N TYR D 125 -10.93 3.22 11.55
CA TYR D 125 -11.41 2.67 12.80
C TYR D 125 -11.21 1.16 12.84
N LEU D 126 -11.52 0.47 11.74
CA LEU D 126 -11.38 -1.00 11.75
C LEU D 126 -9.92 -1.40 11.95
N LYS D 127 -8.99 -0.67 11.36
CA LYS D 127 -7.58 -0.98 11.59
C LYS D 127 -7.25 -0.90 13.08
N LEU D 128 -7.77 0.11 13.76
CA LEU D 128 -7.53 0.23 15.20
C LEU D 128 -8.20 -0.90 15.95
N LEU D 129 -9.48 -1.13 15.67
CA LEU D 129 -10.21 -2.24 16.32
C LEU D 129 -9.51 -3.57 16.10
N LEU D 130 -8.99 -3.81 14.89
CA LEU D 130 -8.26 -5.05 14.64
C LEU D 130 -6.88 -5.04 15.27
N GLN D 131 -6.31 -3.86 15.54
CA GLN D 131 -5.04 -3.79 16.27
CA GLN D 131 -5.04 -3.79 16.27
C GLN D 131 -5.22 -3.99 17.77
N GLU D 132 -6.42 -3.71 18.32
CA GLU D 132 -6.69 -3.88 19.76
C GLU D 132 -7.41 -5.21 20.02
N GLN D 133 -6.70 -6.30 19.73
CA GLN D 133 -7.32 -7.62 19.70
C GLN D 133 -7.81 -8.06 21.08
N ALA D 134 -7.06 -7.71 22.13
CA ALA D 134 -7.50 -8.00 23.49
C ALA D 134 -8.87 -7.40 23.79
N ARG D 135 -9.13 -6.17 23.35
CA ARG D 135 -10.44 -5.56 23.61
C ARG D 135 -11.53 -6.26 22.82
N LEU D 136 -11.23 -6.63 21.58
CA LEU D 136 -12.14 -7.41 20.77
C LEU D 136 -12.52 -8.73 21.47
N HIS D 137 -11.58 -9.34 22.20
CA HIS D 137 -11.89 -10.59 22.89
C HIS D 137 -12.97 -10.38 23.95
N GLU D 138 -13.06 -9.17 24.50
CA GLU D 138 -14.06 -8.87 25.52
C GLU D 138 -15.45 -8.65 24.93
N TYR D 139 -15.57 -8.48 23.62
CA TYR D 139 -16.88 -8.30 23.00
C TYR D 139 -17.31 -9.47 22.13
N TYR D 140 -16.36 -10.19 21.53
CA TYR D 140 -16.66 -11.15 20.47
C TYR D 140 -16.23 -12.56 20.84
N GLN D 141 -17.09 -13.51 20.47
CA GLN D 141 -16.73 -14.92 20.55
C GLN D 141 -15.65 -15.22 19.51
N PRO D 142 -14.88 -16.31 19.71
CA PRO D 142 -13.82 -16.62 18.74
C PRO D 142 -14.30 -16.82 17.30
N THR D 143 -15.56 -17.21 17.09
CA THR D 143 -16.06 -17.43 15.74
C THR D 143 -16.58 -16.15 15.07
N ALA D 144 -16.53 -15.01 15.75
CA ALA D 144 -17.10 -13.78 15.20
C ALA D 144 -16.37 -13.32 13.95
N LEU D 145 -17.15 -12.73 13.02
CA LEU D 145 -16.55 -12.14 11.81
C LEU D 145 -15.31 -11.29 12.14
N LEU D 146 -15.41 -10.43 13.15
CA LEU D 146 -14.30 -9.51 13.44
C LEU D 146 -13.07 -10.21 14.04
N ARG D 147 -13.21 -11.43 14.55
CA ARG D 147 -12.06 -12.16 15.05
C ARG D 147 -11.54 -13.17 14.05
N ASP D 148 -12.07 -13.18 12.84
CA ASP D 148 -11.60 -14.07 11.79
C ASP D 148 -10.52 -13.37 10.98
N ALA D 149 -9.28 -13.87 11.01
CA ALA D 149 -8.18 -13.12 10.41
C ALA D 149 -8.42 -12.84 8.93
N GLU D 150 -8.74 -13.89 8.15
CA GLU D 150 -9.03 -13.71 6.72
C GLU D 150 -10.17 -12.72 6.48
N GLU D 151 -11.30 -12.93 7.14
CA GLU D 151 -12.42 -12.03 6.88
C GLU D 151 -12.08 -10.61 7.28
N GLY D 152 -11.16 -10.44 8.24
CA GLY D 152 -10.73 -9.09 8.58
C GLY D 152 -9.99 -8.44 7.44
N GLU D 153 -9.19 -9.23 6.72
CA GLU D 153 -8.51 -8.70 5.55
C GLU D 153 -9.49 -8.36 4.44
N PHE D 154 -10.53 -9.18 4.26
CA PHE D 154 -11.56 -8.83 3.30
C PHE D 154 -12.22 -7.52 3.67
N LEU D 155 -12.53 -7.36 4.95
CA LEU D 155 -13.31 -6.20 5.37
C LEU D 155 -12.50 -4.91 5.21
N LEU D 156 -11.22 -4.95 5.57
CA LEU D 156 -10.36 -3.77 5.38
C LEU D 156 -10.34 -3.34 3.92
N SER D 157 -10.15 -4.31 3.01
CA SER D 157 -10.13 -4.03 1.58
C SER D 157 -11.48 -3.49 1.12
N PHE D 158 -12.59 -4.08 1.60
CA PHE D 158 -13.90 -3.56 1.27
C PHE D 158 -14.06 -2.11 1.77
N LEU D 159 -13.69 -1.86 3.02
CA LEU D 159 -13.87 -0.52 3.57
C LEU D 159 -13.04 0.52 2.83
N GLN D 160 -11.87 0.13 2.29
CA GLN D 160 -11.09 1.12 1.53
C GLN D 160 -11.90 1.70 0.38
N GLY D 161 -12.76 0.87 -0.26
CA GLY D 161 -13.54 1.33 -1.39
C GLY D 161 -14.54 2.44 -1.06
N LEU D 162 -14.85 2.64 0.22
CA LEU D 162 -15.89 3.59 0.62
C LEU D 162 -15.50 5.03 0.33
N THR D 163 -14.21 5.32 0.23
CA THR D 163 -13.82 6.69 -0.05
C THR D 163 -14.01 7.05 -1.51
N SER D 164 -14.50 6.14 -2.35
CA SER D 164 -14.94 6.53 -3.68
C SER D 164 -16.32 7.20 -3.69
N LEU D 165 -16.98 7.29 -2.53
CA LEU D 165 -18.28 7.96 -2.39
C LEU D 165 -18.19 9.07 -1.33
N SER D 166 -19.09 10.03 -1.41
CA SER D 166 -19.20 11.11 -0.42
C SER D 166 -20.51 10.90 0.33
N PHE D 167 -20.41 10.63 1.64
CA PHE D 167 -21.57 10.34 2.45
C PHE D 167 -21.96 11.58 3.24
N GLU D 168 -23.25 11.90 3.26
CA GLU D 168 -23.78 12.79 4.29
C GLU D 168 -25.02 12.10 4.84
N LEU D 169 -24.77 11.08 5.65
CA LEU D 169 -25.82 10.32 6.31
C LEU D 169 -26.31 11.09 7.53
N SER D 170 -27.56 10.83 7.91
CA SER D 170 -28.10 11.39 9.15
C SER D 170 -27.57 10.55 10.30
N TYR D 171 -26.84 11.17 11.23
CA TYR D 171 -26.35 10.42 12.37
C TYR D 171 -26.97 10.89 13.67
N LYS D 172 -28.07 11.66 13.61
CA LYS D 172 -28.60 12.34 14.80
C LYS D 172 -30.06 12.02 15.08
N SER D 173 -30.65 11.06 14.35
CA SER D 173 -32.10 10.80 14.41
C SER D 173 -32.48 10.00 15.66
N ALA D 174 -33.60 10.37 16.27
CA ALA D 174 -34.10 9.59 17.41
C ALA D 174 -34.35 8.13 17.02
N ILE D 175 -34.64 7.89 15.74
CA ILE D 175 -34.84 6.54 15.21
C ILE D 175 -33.64 5.63 15.49
N LEU D 176 -32.46 6.20 15.66
CA LEU D 176 -31.30 5.35 15.90
C LEU D 176 -31.28 4.72 17.29
N ASN D 177 -32.14 5.19 18.20
CA ASN D 177 -32.09 4.74 19.60
C ASN D 177 -32.45 3.27 19.80
N GLU D 178 -33.12 2.64 18.84
CA GLU D 178 -33.52 1.24 18.95
C GLU D 178 -33.29 0.52 17.62
N TRP D 179 -32.92 -0.75 17.70
CA TRP D 179 -32.60 -1.55 16.50
C TRP D 179 -33.88 -1.87 15.74
N THR D 180 -33.75 -2.12 14.45
CA THR D 180 -34.78 -2.76 13.66
C THR D 180 -34.26 -4.10 13.14
N LEU D 181 -35.07 -4.80 12.33
CA LEU D 181 -34.83 -6.22 12.07
C LEU D 181 -33.64 -6.46 11.11
N THR D 182 -33.46 -5.65 10.08
CA THR D 182 -32.52 -6.04 9.03
C THR D 182 -31.10 -6.25 9.55
N PRO D 183 -30.46 -5.34 10.29
CA PRO D 183 -29.10 -5.66 10.80
C PRO D 183 -29.09 -6.90 11.68
N LEU D 184 -30.15 -7.13 12.47
CA LEU D 184 -30.13 -8.30 13.37
C LEU D 184 -30.27 -9.59 12.57
N ALA D 185 -31.11 -9.58 11.53
CA ALA D 185 -31.26 -10.78 10.72
C ALA D 185 -29.98 -11.04 9.91
N LEU D 186 -29.43 -10.00 9.28
CA LEU D 186 -28.19 -10.19 8.52
C LEU D 186 -27.09 -10.73 9.41
N SER D 187 -27.05 -10.30 10.68
CA SER D 187 -26.00 -10.78 11.57
C SER D 187 -26.22 -12.21 12.05
N GLY D 188 -27.38 -12.81 11.78
CA GLY D 188 -27.70 -14.13 12.30
C GLY D 188 -28.32 -14.12 13.69
N LEU D 189 -28.29 -12.99 14.41
CA LEU D 189 -28.92 -12.93 15.72
C LEU D 189 -30.42 -13.20 15.66
N CYS D 190 -31.10 -12.76 14.60
CA CYS D 190 -32.45 -13.15 14.28
C CYS D 190 -32.46 -13.89 12.94
N PRO D 191 -33.50 -14.68 12.66
CA PRO D 191 -33.50 -15.47 11.44
C PRO D 191 -33.75 -14.61 10.22
N LEU D 192 -32.98 -14.88 9.16
CA LEU D 192 -33.27 -14.28 7.85
C LEU D 192 -34.71 -14.54 7.45
N SER D 193 -35.25 -15.69 7.86
CA SER D 193 -36.66 -16.04 7.70
C SER D 193 -37.59 -14.86 7.97
N GLU D 194 -37.31 -14.11 9.04
CA GLU D 194 -38.27 -13.12 9.52
C GLU D 194 -38.39 -11.90 8.61
N LEU D 195 -37.52 -11.77 7.61
CA LEU D 195 -37.53 -10.61 6.73
C LEU D 195 -38.67 -10.70 5.71
N ASP D 196 -39.52 -9.66 5.66
CA ASP D 196 -40.62 -9.53 4.67
C ASP D 196 -41.35 -8.18 4.77
#